data_9DIF
#
_entry.id   9DIF
#
_cell.length_a   105.021
_cell.length_b   194.171
_cell.length_c   118.626
_cell.angle_alpha   90.00
_cell.angle_beta   90.00
_cell.angle_gamma   90.00
#
_symmetry.space_group_name_H-M   'C 2 2 21'
#
loop_
_entity.id
_entity.type
_entity.pdbx_description
1 polymer 'HNH endonuclease'
2 polymer "DNA (5'-D(*TP*TP*GP*CP*TP*CP*TP*CP*TP*TP*AP*AP*GP*AP*GP*AP*GP*CP*A)-3')"
3 non-polymer "3'2'-cGAMP"
4 non-polymer 'ZINC ION'
5 water water
#
loop_
_entity_poly.entity_id
_entity_poly.type
_entity_poly.pdbx_seq_one_letter_code
_entity_poly.pdbx_strand_id
1 'polypeptide(L)'
;MAEKEDAKPASGRFNTNDETKRIVWTQTAGHCELCGTDLTFDYRAGKPMKWGEVAAILPASPKGPRGRADHDAEAHTNDT
ANLMLLCPGCHDKIDRDADGYPENDLSGLHQAYLERIRLAATTPDGGRAIPLIVQSQHFQTINDIPVRDLLTAMSAEGLT
AFDQGIKIAFAAPGPRGRDTTYWQNVKDSVQYELEQQLKRRGGTYGDSPALAVVGLADIPALMMLGQSIGDRSKRLIFSF
HREHLLRWPDQSAEPPSFLFTPPPNGDGPLALVLSISAQVPVRDVTDALPGARIAELSIPEPSYAMVQNRRVIHAFRDAL
QIRLSQLEALTPDPIHVFAAIPAALAIEFGALLTTQHQHTYLIFDRDKENQDRFTQTLQLGPVAQEAM
;
A,B
2 'polydeoxyribonucleotide' (DT)(DT)(DG)(DC)(DT)(DC)(DT)(DC)(DT)(DT)(DA)(DA)(DG)(DA)(DG)(DA)(DG)(DC)(DA) D
#
# COMPACT_ATOMS: atom_id res chain seq x y z
N PHE A 14 1.94 44.59 8.28
CA PHE A 14 1.47 43.42 7.52
C PHE A 14 2.33 42.17 7.72
N ASN A 15 3.21 42.21 8.72
CA ASN A 15 4.11 41.08 9.01
C ASN A 15 3.45 40.10 9.97
N THR A 16 3.83 38.84 9.86
CA THR A 16 3.37 37.82 10.79
C THR A 16 4.07 38.01 12.13
N ASN A 17 3.31 38.14 13.21
CA ASN A 17 3.90 38.37 14.53
C ASN A 17 4.62 37.10 15.04
N ASP A 18 5.33 37.28 16.16
CA ASP A 18 6.20 36.22 16.63
C ASP A 18 5.39 35.07 17.20
N GLU A 19 4.30 35.37 17.91
CA GLU A 19 3.45 34.29 18.41
C GLU A 19 2.96 33.38 17.30
N THR A 20 2.62 33.94 16.14
CA THR A 20 2.07 33.11 15.06
C THR A 20 3.13 32.27 14.39
N LYS A 21 4.31 32.85 14.18
CA LYS A 21 5.43 32.06 13.68
C LYS A 21 5.76 30.91 14.65
N ARG A 22 5.74 31.18 15.94
CA ARG A 22 5.95 30.12 16.93
C ARG A 22 4.90 29.02 16.82
N ILE A 23 3.63 29.39 16.62
CA ILE A 23 2.59 28.40 16.33
C ILE A 23 2.86 27.61 15.05
N VAL A 24 3.24 28.27 13.95
CA VAL A 24 3.53 27.54 12.71
C VAL A 24 4.62 26.52 12.95
N TRP A 25 5.67 26.91 13.67
CA TRP A 25 6.77 25.97 13.90
C TRP A 25 6.32 24.81 14.77
N THR A 26 5.40 25.08 15.69
CA THR A 26 4.93 24.11 16.66
C THR A 26 4.01 23.09 15.99
N GLN A 27 2.99 23.56 15.27
CA GLN A 27 2.02 22.62 14.69
C GLN A 27 2.55 21.77 13.54
N THR A 28 3.67 22.17 12.92
CA THR A 28 4.34 21.38 11.88
C THR A 28 5.48 20.53 12.42
N ALA A 29 5.81 20.59 13.72
CA ALA A 29 6.93 19.87 14.34
C ALA A 29 8.26 20.25 13.67
N GLY A 30 8.31 21.45 13.08
CA GLY A 30 9.56 21.91 12.56
C GLY A 30 10.09 21.16 11.36
N HIS A 31 9.22 20.63 10.50
CA HIS A 31 9.58 20.00 9.24
C HIS A 31 8.91 20.67 8.05
N CYS A 32 9.56 20.58 6.89
CA CYS A 32 8.97 21.17 5.69
C CYS A 32 7.69 20.41 5.33
N GLU A 33 6.61 21.17 5.13
CA GLU A 33 5.31 20.57 4.87
C GLU A 33 5.21 19.93 3.49
N LEU A 34 6.09 20.29 2.54
CA LEU A 34 6.10 19.80 1.19
C LEU A 34 7.15 18.70 0.94
N CYS A 35 8.24 18.60 1.74
CA CYS A 35 9.23 17.54 1.48
C CYS A 35 9.65 16.78 2.74
N GLY A 36 9.26 17.22 3.92
CA GLY A 36 9.49 16.42 5.08
C GLY A 36 10.85 16.59 5.69
N THR A 37 11.70 17.47 5.16
CA THR A 37 13.03 17.60 5.75
C THR A 37 12.92 18.27 7.13
N ASP A 38 13.84 17.92 8.03
CA ASP A 38 13.89 18.51 9.37
C ASP A 38 14.53 19.88 9.30
N LEU A 39 13.79 20.90 9.72
CA LEU A 39 14.30 22.28 9.69
C LEU A 39 14.75 22.78 11.06
N THR A 40 15.00 21.90 12.02
CA THR A 40 15.47 22.31 13.34
C THR A 40 16.96 22.01 13.55
N PHE A 41 17.68 21.48 12.55
CA PHE A 41 19.02 20.97 12.77
C PHE A 41 19.66 20.88 11.41
N ASP A 42 20.99 21.11 11.35
CA ASP A 42 21.84 20.92 10.17
C ASP A 42 22.68 19.65 10.42
N TYR A 43 22.30 18.57 9.77
CA TYR A 43 22.99 17.29 9.94
C TYR A 43 24.37 17.27 9.34
N ARG A 44 24.71 18.18 8.44
CA ARG A 44 26.00 18.14 7.80
C ARG A 44 27.09 18.58 8.75
N ALA A 45 26.88 19.69 9.46
CA ALA A 45 27.92 20.25 10.32
C ALA A 45 27.56 20.22 11.81
N GLY A 46 26.31 19.90 12.13
CA GLY A 46 25.97 19.46 13.45
C GLY A 46 25.37 20.49 14.38
N LYS A 47 24.94 21.70 13.85
CA LYS A 47 24.44 22.74 14.72
C LYS A 47 22.92 22.78 14.74
N PRO A 48 22.27 22.81 15.92
CA PRO A 48 20.82 23.12 15.94
C PRO A 48 20.58 24.50 15.31
N MET A 49 19.61 24.60 14.42
CA MET A 49 19.34 25.88 13.76
C MET A 49 17.95 25.78 13.15
N LYS A 50 17.21 26.90 13.20
CA LYS A 50 15.89 26.98 12.59
C LYS A 50 16.00 27.55 11.18
N TRP A 51 16.17 26.66 10.21
CA TRP A 51 16.53 27.11 8.87
C TRP A 51 15.33 27.08 7.89
N GLY A 52 14.10 27.02 8.42
CA GLY A 52 12.91 27.07 7.60
C GLY A 52 12.38 28.49 7.46
N GLU A 53 11.32 28.60 6.67
CA GLU A 53 10.67 29.87 6.38
C GLU A 53 9.16 29.72 6.55
N VAL A 54 8.55 30.68 7.24
CA VAL A 54 7.09 30.76 7.34
C VAL A 54 6.58 31.43 6.07
N ALA A 55 5.87 30.66 5.25
CA ALA A 55 5.54 31.03 3.87
C ALA A 55 4.06 31.29 3.71
N ALA A 56 3.72 32.30 2.93
CA ALA A 56 2.32 32.63 2.67
C ALA A 56 1.78 31.99 1.39
N ILE A 57 0.62 31.33 1.48
CA ILE A 57 0.02 30.72 0.30
C ILE A 57 -0.54 31.80 -0.60
N LEU A 58 -1.45 32.62 -0.07
CA LEU A 58 -1.94 33.81 -0.74
C LEU A 58 -1.03 34.98 -0.37
N PRO A 59 -0.37 35.62 -1.34
CA PRO A 59 0.62 36.63 -1.01
C PRO A 59 0.01 37.95 -0.55
N ALA A 60 0.87 38.76 0.10
CA ALA A 60 0.47 40.10 0.51
C ALA A 60 0.23 41.00 -0.71
N SER A 61 1.23 41.09 -1.59
CA SER A 61 1.06 41.80 -2.85
C SER A 61 0.13 41.01 -3.78
N PRO A 62 -0.89 41.65 -4.35
CA PRO A 62 -1.75 40.92 -5.31
C PRO A 62 -1.05 40.60 -6.63
N LYS A 63 0.12 41.20 -6.87
CA LYS A 63 0.91 40.90 -8.06
C LYS A 63 1.79 39.66 -7.88
N GLY A 64 1.97 39.19 -6.65
CA GLY A 64 2.80 38.05 -6.39
C GLY A 64 2.18 36.72 -6.80
N PRO A 65 2.91 35.64 -6.55
CA PRO A 65 2.43 34.31 -6.94
C PRO A 65 1.16 33.93 -6.18
N ARG A 66 0.14 33.48 -6.92
CA ARG A 66 -1.20 33.21 -6.39
C ARG A 66 -1.95 34.48 -5.98
N GLY A 67 -1.43 35.65 -6.37
CA GLY A 67 -2.06 36.89 -5.98
C GLY A 67 -3.49 37.02 -6.47
N ARG A 68 -4.30 37.68 -5.66
CA ARG A 68 -5.72 37.86 -5.92
C ARG A 68 -6.07 39.26 -5.44
N ALA A 69 -7.02 39.91 -6.15
CA ALA A 69 -7.48 41.23 -5.74
C ALA A 69 -8.41 41.18 -4.53
N ASP A 70 -9.17 40.09 -4.39
CA ASP A 70 -10.13 39.91 -3.31
C ASP A 70 -9.51 39.32 -2.03
N HIS A 71 -8.20 39.45 -1.85
CA HIS A 71 -7.53 38.91 -0.67
C HIS A 71 -7.17 40.08 0.23
N ASP A 72 -7.83 40.15 1.39
CA ASP A 72 -7.53 41.15 2.42
C ASP A 72 -6.26 40.70 3.13
N ALA A 73 -5.11 41.25 2.69
CA ALA A 73 -3.83 40.80 3.24
C ALA A 73 -3.74 41.05 4.74
N GLU A 74 -4.28 42.18 5.21
CA GLU A 74 -4.17 42.52 6.63
C GLU A 74 -5.03 41.60 7.50
N ALA A 75 -6.20 41.20 7.01
CA ALA A 75 -7.05 40.25 7.73
C ALA A 75 -6.49 38.82 7.77
N HIS A 76 -5.35 38.55 7.15
CA HIS A 76 -4.84 37.18 7.13
C HIS A 76 -3.36 37.10 7.42
N THR A 77 -2.73 38.20 7.86
CA THR A 77 -1.28 38.17 8.10
C THR A 77 -0.91 37.09 9.10
N ASN A 78 -1.79 36.86 10.11
CA ASN A 78 -1.57 35.91 11.20
C ASN A 78 -2.58 34.75 11.19
N ASP A 79 -2.98 34.34 9.97
CA ASP A 79 -3.93 33.26 9.76
C ASP A 79 -3.12 32.06 9.35
N THR A 80 -3.01 31.08 10.25
CA THR A 80 -2.18 29.91 10.02
C THR A 80 -2.74 28.99 8.94
N ALA A 81 -3.99 29.22 8.52
CA ALA A 81 -4.51 28.50 7.35
C ALA A 81 -3.85 28.96 6.07
N ASN A 82 -3.25 30.14 6.09
CA ASN A 82 -2.51 30.67 4.97
C ASN A 82 -0.98 30.57 5.07
N LEU A 83 -0.44 29.93 6.11
CA LEU A 83 0.99 29.98 6.41
C LEU A 83 1.51 28.56 6.54
N MET A 84 2.52 28.25 5.76
CA MET A 84 3.15 26.95 5.75
C MET A 84 4.59 27.12 6.21
N LEU A 85 5.08 26.14 6.98
CA LEU A 85 6.52 25.98 7.23
C LEU A 85 7.14 25.23 6.07
N LEU A 86 8.05 25.89 5.34
CA LEU A 86 8.73 25.34 4.18
C LEU A 86 10.25 25.47 4.30
N CYS A 87 10.98 24.49 3.77
CA CYS A 87 12.40 24.75 3.51
C CYS A 87 12.61 25.87 2.49
N PRO A 88 13.78 26.52 2.50
CA PRO A 88 13.98 27.63 1.56
C PRO A 88 13.84 27.22 0.09
N GLY A 89 14.14 25.97 -0.21
CA GLY A 89 14.08 25.51 -1.58
C GLY A 89 12.66 25.28 -2.04
N CYS A 90 11.85 24.55 -1.26
CA CYS A 90 10.44 24.39 -1.59
C CYS A 90 9.77 25.74 -1.68
N HIS A 91 10.12 26.65 -0.80
CA HIS A 91 9.49 27.96 -0.80
C HIS A 91 9.83 28.72 -2.08
N ASP A 92 11.10 28.68 -2.48
CA ASP A 92 11.54 29.36 -3.70
C ASP A 92 10.87 28.79 -4.94
N LYS A 93 10.60 27.48 -4.98
CA LYS A 93 9.95 26.93 -6.17
C LYS A 93 8.46 27.26 -6.26
N ILE A 94 7.72 27.23 -5.15
CA ILE A 94 6.29 27.54 -5.24
C ILE A 94 6.07 29.00 -5.58
N ASP A 95 7.01 29.89 -5.23
CA ASP A 95 6.90 31.31 -5.58
C ASP A 95 7.32 31.60 -7.02
N ARG A 96 7.96 30.66 -7.70
CA ARG A 96 8.35 30.81 -9.10
C ARG A 96 7.43 30.06 -10.07
N ASP A 97 6.43 29.30 -9.55
CA ASP A 97 5.55 28.52 -10.44
C ASP A 97 4.16 28.45 -9.80
N ALA A 98 3.42 29.57 -9.90
CA ALA A 98 2.11 29.66 -9.24
C ALA A 98 1.08 28.74 -9.87
N ASP A 99 1.10 28.60 -11.20
CA ASP A 99 0.20 27.67 -11.90
C ASP A 99 0.50 26.24 -11.54
N GLY A 100 1.78 25.86 -11.39
CA GLY A 100 2.12 24.53 -10.93
C GLY A 100 1.83 24.27 -9.46
N TYR A 101 1.76 25.32 -8.62
CA TYR A 101 1.46 25.18 -7.20
C TYR A 101 0.32 26.10 -6.81
N PRO A 102 -0.90 25.81 -7.29
CA PRO A 102 -2.03 26.72 -7.06
C PRO A 102 -2.50 26.66 -5.59
N GLU A 103 -3.16 27.75 -5.18
CA GLU A 103 -3.68 27.90 -3.82
C GLU A 103 -4.46 26.67 -3.34
N ASN A 104 -5.38 26.15 -4.16
CA ASN A 104 -6.23 25.06 -3.66
C ASN A 104 -5.41 23.79 -3.41
N ASP A 105 -4.36 23.55 -4.22
CA ASP A 105 -3.53 22.36 -4.03
C ASP A 105 -2.62 22.54 -2.82
N LEU A 106 -2.08 23.76 -2.64
CA LEU A 106 -1.23 24.05 -1.48
C LEU A 106 -2.03 23.98 -0.17
N SER A 107 -3.22 24.54 -0.18
CA SER A 107 -4.07 24.48 1.00
C SER A 107 -4.46 23.05 1.38
N GLY A 108 -4.78 22.21 0.40
CA GLY A 108 -5.10 20.84 0.76
C GLY A 108 -3.93 20.06 1.32
N LEU A 109 -2.73 20.23 0.73
CA LEU A 109 -1.56 19.56 1.28
C LEU A 109 -1.22 20.06 2.68
N HIS A 110 -1.39 21.37 2.91
CA HIS A 110 -1.21 21.98 4.23
C HIS A 110 -2.12 21.36 5.26
N GLN A 111 -3.41 21.34 4.96
CA GLN A 111 -4.34 20.77 5.92
C GLN A 111 -4.09 19.28 6.14
N ALA A 112 -3.69 18.56 5.10
CA ALA A 112 -3.42 17.14 5.28
C ALA A 112 -2.17 16.91 6.14
N TYR A 113 -1.11 17.70 5.91
CA TYR A 113 0.09 17.60 6.75
C TYR A 113 -0.24 17.87 8.22
N LEU A 114 -1.01 18.92 8.49
CA LEU A 114 -1.32 19.28 9.86
C LEU A 114 -2.14 18.21 10.55
N GLU A 115 -3.05 17.56 9.81
CA GLU A 115 -3.92 16.57 10.42
C GLU A 115 -3.17 15.29 10.75
N ARG A 116 -2.18 14.92 9.95
CA ARG A 116 -1.40 13.73 10.28
C ARG A 116 -0.61 13.93 11.57
N ILE A 117 -0.05 15.11 11.78
CA ILE A 117 0.69 15.40 13.01
C ILE A 117 -0.24 15.36 14.23
N ARG A 118 -1.39 16.01 14.14
CA ARG A 118 -2.41 15.98 15.17
C ARG A 118 -2.83 14.56 15.53
N LEU A 119 -3.03 13.71 14.52
CA LEU A 119 -3.41 12.32 14.80
C LEU A 119 -2.25 11.54 15.44
N ALA A 120 -1.03 11.74 14.98
CA ALA A 120 0.06 11.10 15.75
C ALA A 120 0.13 11.59 17.20
N ALA A 121 -0.11 12.88 17.46
CA ALA A 121 0.07 13.41 18.80
C ALA A 121 -1.02 12.95 19.75
N THR A 122 -2.19 12.61 19.21
CA THR A 122 -3.28 12.11 20.04
C THR A 122 -3.39 10.59 20.06
N THR A 123 -2.46 9.88 19.41
CA THR A 123 -2.48 8.43 19.46
C THR A 123 -1.81 7.97 20.73
N PRO A 124 -2.49 7.17 21.57
CA PRO A 124 -1.86 6.69 22.80
C PRO A 124 -0.81 5.62 22.52
N ASP A 125 0.21 5.60 23.37
CA ASP A 125 1.27 4.61 23.30
C ASP A 125 0.66 3.22 23.26
N GLY A 126 1.09 2.40 22.30
CA GLY A 126 0.57 1.06 22.12
C GLY A 126 1.60 -0.06 22.26
N GLY A 127 2.79 0.27 22.77
CA GLY A 127 3.91 -0.67 22.87
C GLY A 127 4.91 -0.67 21.72
N ARG A 128 5.81 -1.64 21.79
CA ARG A 128 6.93 -1.80 20.88
C ARG A 128 6.82 -3.11 20.11
N ALA A 129 7.48 -3.13 18.96
CA ALA A 129 7.51 -4.30 18.08
C ALA A 129 8.64 -4.18 17.08
N ILE A 130 9.08 -5.33 16.58
CA ILE A 130 10.11 -5.42 15.55
C ILE A 130 9.42 -5.43 14.19
N PRO A 131 9.59 -4.40 13.36
CA PRO A 131 9.03 -4.47 12.01
C PRO A 131 9.70 -5.58 11.19
N LEU A 132 8.88 -6.40 10.54
CA LEU A 132 9.39 -7.50 9.73
C LEU A 132 8.63 -7.60 8.42
N ILE A 133 9.36 -7.36 7.33
CA ILE A 133 8.89 -7.49 5.94
C ILE A 133 9.56 -8.71 5.29
N VAL A 134 8.74 -9.61 4.73
CA VAL A 134 9.25 -10.77 4.00
C VAL A 134 8.60 -10.80 2.62
N GLN A 135 9.41 -10.70 1.59
CA GLN A 135 8.86 -10.65 0.23
C GLN A 135 9.64 -11.53 -0.73
N SER A 136 8.94 -12.04 -1.76
CA SER A 136 9.52 -12.93 -2.77
C SER A 136 9.87 -12.13 -4.03
N GLN A 137 10.60 -12.79 -4.94
CA GLN A 137 10.82 -12.36 -6.32
C GLN A 137 10.29 -13.39 -7.33
N HIS A 138 9.22 -14.13 -7.03
CA HIS A 138 8.78 -15.18 -7.95
C HIS A 138 7.70 -14.67 -8.91
N PHE A 139 7.24 -13.46 -8.72
CA PHE A 139 6.41 -12.81 -9.71
C PHE A 139 7.18 -12.30 -10.96
N GLN A 140 6.43 -12.06 -12.02
CA GLN A 140 7.09 -11.50 -13.19
C GLN A 140 7.04 -9.97 -13.20
N THR A 141 6.78 -9.37 -12.04
CA THR A 141 6.72 -7.93 -11.85
C THR A 141 7.49 -7.56 -10.59
N ILE A 142 7.83 -6.27 -10.46
CA ILE A 142 8.38 -5.78 -9.21
C ILE A 142 7.44 -6.15 -8.10
N ASN A 143 8.00 -6.57 -6.97
CA ASN A 143 7.31 -6.87 -5.71
C ASN A 143 8.07 -6.18 -4.58
N ASP A 144 7.47 -5.16 -3.95
CA ASP A 144 8.23 -4.38 -2.98
C ASP A 144 7.29 -3.70 -2.00
N ILE A 145 7.38 -4.10 -0.73
CA ILE A 145 6.61 -3.50 0.36
C ILE A 145 7.39 -2.32 0.92
N PRO A 146 6.85 -1.11 0.87
CA PRO A 146 7.59 0.03 1.45
C PRO A 146 7.71 -0.07 2.98
N VAL A 147 8.92 0.21 3.50
CA VAL A 147 9.13 0.23 4.96
C VAL A 147 8.28 1.30 5.62
N ARG A 148 8.21 2.50 5.02
CA ARG A 148 7.47 3.59 5.64
C ARG A 148 6.02 3.18 5.88
N ASP A 149 5.45 2.47 4.93
CA ASP A 149 4.04 2.13 5.08
C ASP A 149 3.76 1.14 6.21
N LEU A 150 4.67 0.19 6.49
CA LEU A 150 4.50 -0.69 7.64
C LEU A 150 4.64 0.08 8.93
N LEU A 151 5.72 0.91 9.02
CA LEU A 151 5.96 1.74 10.22
C LEU A 151 4.78 2.67 10.49
N THR A 152 4.12 3.09 9.42
CA THR A 152 2.99 4.02 9.57
C THR A 152 1.76 3.28 10.05
N ALA A 153 1.50 2.09 9.53
CA ALA A 153 0.44 1.25 10.04
C ALA A 153 0.68 0.88 11.51
N MET A 154 1.93 0.58 11.84
CA MET A 154 2.26 0.32 13.22
C MET A 154 1.91 1.52 14.08
N SER A 155 2.36 2.71 13.64
CA SER A 155 2.16 3.91 14.43
C SER A 155 0.68 4.28 14.58
N ALA A 156 -0.14 3.98 13.59
CA ALA A 156 -1.58 4.20 13.72
C ALA A 156 -2.21 3.42 14.87
N GLU A 157 -1.61 2.30 15.26
CA GLU A 157 -2.00 1.45 16.38
C GLU A 157 -1.20 1.74 17.66
N GLY A 158 -0.37 2.78 17.65
CA GLY A 158 0.41 3.12 18.83
C GLY A 158 1.74 2.41 18.96
N LEU A 159 2.10 1.54 18.00
CA LEU A 159 3.33 0.71 18.04
C LEU A 159 4.49 1.50 17.45
N THR A 160 5.63 1.47 18.14
CA THR A 160 6.87 2.03 17.65
C THR A 160 7.93 0.95 17.70
N ALA A 161 9.03 1.27 17.04
CA ALA A 161 10.20 0.43 17.00
C ALA A 161 11.45 1.26 17.23
N PHE A 162 12.53 0.57 17.61
CA PHE A 162 13.83 1.20 17.81
C PHE A 162 14.64 1.36 16.52
N ASP A 163 14.20 0.79 15.42
CA ASP A 163 14.89 0.91 14.15
C ASP A 163 13.86 0.53 13.09
N GLN A 164 14.24 0.64 11.84
CA GLN A 164 13.26 0.36 10.79
C GLN A 164 13.02 -1.13 10.60
N GLY A 165 13.74 -1.98 11.29
CA GLY A 165 13.42 -3.41 11.38
C GLY A 165 14.14 -4.27 10.36
N ILE A 166 13.50 -5.38 9.98
CA ILE A 166 14.09 -6.43 9.13
C ILE A 166 13.33 -6.48 7.82
N LYS A 167 14.07 -6.59 6.71
CA LYS A 167 13.39 -6.73 5.42
C LYS A 167 14.10 -7.83 4.65
N ILE A 168 13.42 -8.94 4.41
CA ILE A 168 13.98 -10.08 3.70
C ILE A 168 13.33 -10.21 2.35
N ALA A 169 14.14 -10.32 1.31
CA ALA A 169 13.69 -10.50 -0.07
C ALA A 169 14.32 -11.80 -0.59
N PHE A 170 13.48 -12.80 -0.85
CA PHE A 170 13.98 -14.07 -1.36
C PHE A 170 14.75 -13.83 -2.66
N ALA A 171 15.75 -14.67 -2.91
CA ALA A 171 16.36 -14.74 -4.23
C ALA A 171 15.31 -15.14 -5.25
N ALA A 172 15.49 -14.66 -6.47
CA ALA A 172 14.53 -14.98 -7.51
C ALA A 172 14.70 -16.40 -8.02
N PRO A 173 13.67 -16.96 -8.64
CA PRO A 173 13.85 -18.27 -9.27
C PRO A 173 14.91 -18.21 -10.35
N GLY A 174 15.62 -19.32 -10.53
CA GLY A 174 16.64 -19.39 -11.55
C GLY A 174 16.07 -19.89 -12.84
N PRO A 175 16.92 -20.36 -13.74
CA PRO A 175 16.48 -20.69 -15.10
C PRO A 175 15.60 -21.93 -15.15
N ARG A 176 15.55 -22.71 -14.08
CA ARG A 176 14.76 -23.92 -14.01
C ARG A 176 13.47 -23.67 -13.27
N GLY A 177 13.15 -22.40 -12.96
CA GLY A 177 11.97 -22.09 -12.18
C GLY A 177 12.15 -22.38 -10.69
N ARG A 178 11.01 -22.61 -10.01
CA ARG A 178 11.02 -22.92 -8.57
C ARG A 178 11.39 -24.40 -8.36
N ASP A 179 12.67 -24.69 -8.49
CA ASP A 179 13.20 -26.04 -8.35
C ASP A 179 13.67 -26.30 -6.92
N THR A 180 14.27 -27.47 -6.73
CA THR A 180 14.78 -27.87 -5.43
C THR A 180 15.73 -26.84 -4.84
N THR A 181 16.55 -26.23 -5.68
CA THR A 181 17.47 -25.21 -5.21
C THR A 181 16.72 -23.98 -4.75
N TYR A 182 15.69 -23.57 -5.50
CA TYR A 182 14.86 -22.42 -5.10
C TYR A 182 14.29 -22.60 -3.69
N TRP A 183 13.69 -23.78 -3.43
CA TRP A 183 13.05 -24.03 -2.14
C TRP A 183 14.07 -24.21 -1.04
N GLN A 184 15.25 -24.74 -1.34
CA GLN A 184 16.31 -24.70 -0.33
C GLN A 184 16.63 -23.27 0.09
N ASN A 185 16.68 -22.37 -0.89
CA ASN A 185 17.06 -20.98 -0.63
C ASN A 185 15.98 -20.31 0.20
N VAL A 186 14.69 -20.54 -0.16
CA VAL A 186 13.56 -20.03 0.64
C VAL A 186 13.67 -20.49 2.09
N LYS A 187 13.97 -21.77 2.30
CA LYS A 187 14.15 -22.28 3.65
C LYS A 187 15.26 -21.54 4.38
N ASP A 188 16.42 -21.37 3.71
CA ASP A 188 17.55 -20.71 4.35
C ASP A 188 17.19 -19.25 4.66
N SER A 189 16.37 -18.62 3.83
CA SER A 189 15.98 -17.24 4.12
C SER A 189 15.12 -17.13 5.39
N VAL A 190 14.22 -18.09 5.56
CA VAL A 190 13.24 -18.11 6.65
C VAL A 190 13.86 -18.63 7.92
N GLN A 191 14.66 -19.69 7.82
CA GLN A 191 15.17 -20.37 8.98
C GLN A 191 16.57 -19.98 9.42
N TYR A 192 17.39 -19.38 8.55
CA TYR A 192 18.72 -18.92 8.94
C TYR A 192 18.87 -17.40 8.87
N GLU A 193 18.61 -16.79 7.72
CA GLU A 193 18.81 -15.35 7.59
C GLU A 193 17.98 -14.57 8.60
N LEU A 194 16.68 -14.89 8.71
CA LEU A 194 15.80 -14.19 9.63
C LEU A 194 16.26 -14.38 11.08
N GLU A 195 16.60 -15.61 11.42
CA GLU A 195 17.00 -15.88 12.80
C GLU A 195 18.28 -15.14 13.11
N GLN A 196 19.23 -15.09 12.15
CA GLN A 196 20.47 -14.37 12.42
C GLN A 196 20.19 -12.88 12.62
N GLN A 197 19.24 -12.32 11.88
CA GLN A 197 18.96 -10.90 12.05
C GLN A 197 18.18 -10.59 13.33
N LEU A 198 17.28 -11.48 13.76
CA LEU A 198 16.64 -11.29 15.06
C LEU A 198 17.63 -11.44 16.21
N LYS A 199 18.58 -12.37 16.10
CA LYS A 199 19.62 -12.51 17.13
C LYS A 199 20.39 -11.21 17.32
N ARG A 200 20.93 -10.67 16.23
CA ARG A 200 21.67 -9.40 16.26
C ARG A 200 20.87 -8.28 16.93
N ARG A 201 19.63 -8.10 16.50
CA ARG A 201 18.80 -7.03 17.03
C ARG A 201 18.28 -7.38 18.41
N GLY A 202 18.37 -8.64 18.82
CA GLY A 202 18.03 -8.99 20.18
C GLY A 202 18.97 -8.38 21.20
N GLY A 203 18.37 -7.90 22.27
CA GLY A 203 19.08 -7.09 23.25
C GLY A 203 18.46 -5.71 23.30
N THR A 204 18.39 -5.05 22.14
CA THR A 204 17.67 -3.77 22.01
C THR A 204 16.19 -3.92 22.34
N TYR A 205 15.55 -4.99 21.85
CA TYR A 205 14.12 -5.20 22.03
C TYR A 205 13.80 -6.12 23.21
N GLY A 206 14.79 -6.68 23.87
CA GLY A 206 14.54 -7.42 25.08
C GLY A 206 14.42 -8.91 24.86
N ASP A 207 13.78 -9.57 25.84
CA ASP A 207 13.71 -11.03 25.86
C ASP A 207 12.69 -11.56 24.85
N SER A 208 11.47 -11.02 24.87
CA SER A 208 10.36 -11.52 24.04
C SER A 208 9.75 -10.36 23.28
N PRO A 209 10.39 -9.90 22.20
CA PRO A 209 9.84 -8.75 21.45
C PRO A 209 8.87 -9.21 20.38
N ALA A 210 7.74 -8.49 20.25
CA ALA A 210 6.73 -8.89 19.29
C ALA A 210 7.13 -8.51 17.86
N LEU A 211 6.75 -9.33 16.91
CA LEU A 211 7.12 -9.08 15.53
C LEU A 211 5.89 -8.52 14.85
N ALA A 212 5.99 -7.30 14.31
CA ALA A 212 4.99 -6.71 13.42
C ALA A 212 5.32 -7.12 12.00
N VAL A 213 4.60 -8.13 11.50
CA VAL A 213 5.00 -8.89 10.30
C VAL A 213 4.01 -8.69 9.14
N VAL A 214 4.58 -8.46 7.97
CA VAL A 214 3.81 -8.37 6.73
C VAL A 214 4.58 -9.16 5.69
N GLY A 215 3.86 -10.04 4.99
CA GLY A 215 4.42 -10.85 3.94
C GLY A 215 3.73 -10.67 2.60
N LEU A 216 4.51 -10.80 1.56
CA LEU A 216 3.98 -10.93 0.21
C LEU A 216 5.00 -11.79 -0.55
N ALA A 217 4.74 -13.11 -0.58
CA ALA A 217 5.70 -14.11 -1.01
C ALA A 217 4.97 -15.40 -1.31
N ASP A 218 5.70 -16.38 -1.82
CA ASP A 218 5.10 -17.67 -2.16
C ASP A 218 4.25 -18.15 -1.00
N ILE A 219 3.09 -18.70 -1.32
CA ILE A 219 2.20 -19.23 -0.28
C ILE A 219 2.91 -20.28 0.56
N PRO A 220 3.57 -21.29 -0.01
CA PRO A 220 4.29 -22.26 0.85
C PRO A 220 5.39 -21.63 1.74
N ALA A 221 6.02 -20.56 1.25
CA ALA A 221 7.03 -19.85 2.02
C ALA A 221 6.40 -19.13 3.18
N LEU A 222 5.26 -18.47 2.93
CA LEU A 222 4.61 -17.75 4.02
C LEU A 222 4.07 -18.70 5.08
N MET A 223 3.65 -19.90 4.68
CA MET A 223 3.28 -20.91 5.65
C MET A 223 4.50 -21.36 6.44
N MET A 224 5.63 -21.51 5.78
CA MET A 224 6.84 -21.87 6.52
C MET A 224 7.26 -20.76 7.48
N LEU A 225 7.18 -19.52 7.03
CA LEU A 225 7.44 -18.39 7.94
C LEU A 225 6.55 -18.44 9.16
N GLY A 226 5.25 -18.62 8.97
CA GLY A 226 4.32 -18.67 10.10
C GLY A 226 4.69 -19.73 11.10
N GLN A 227 4.96 -20.95 10.62
CA GLN A 227 5.36 -22.02 11.52
C GLN A 227 6.61 -21.65 12.31
N SER A 228 7.57 -21.03 11.63
CA SER A 228 8.83 -20.69 12.27
C SER A 228 8.66 -19.59 13.30
N ILE A 229 7.81 -18.58 13.02
CA ILE A 229 7.62 -17.48 13.97
C ILE A 229 6.56 -17.79 15.05
N GLY A 230 5.69 -18.78 14.81
CA GLY A 230 4.67 -19.09 15.80
C GLY A 230 5.30 -19.63 17.07
N ASP A 231 4.70 -19.28 18.20
CA ASP A 231 5.17 -19.71 19.52
C ASP A 231 6.47 -19.00 19.91
N ARG A 232 7.54 -19.28 19.16
CA ARG A 232 8.85 -18.66 19.40
C ARG A 232 8.73 -17.18 19.77
N SER A 233 7.80 -16.46 19.14
CA SER A 233 7.67 -15.01 19.31
C SER A 233 6.19 -14.63 19.28
N LYS A 234 5.86 -13.54 19.98
CA LYS A 234 4.54 -12.93 19.85
C LYS A 234 4.45 -12.26 18.47
N ARG A 235 3.22 -12.02 18.01
CA ARG A 235 3.02 -11.65 16.62
C ARG A 235 1.83 -10.72 16.46
N LEU A 236 2.07 -9.66 15.69
CA LEU A 236 1.06 -8.73 15.22
C LEU A 236 1.08 -8.73 13.71
N ILE A 237 0.07 -9.32 13.11
CA ILE A 237 0.04 -9.51 11.67
C ILE A 237 -0.48 -8.24 10.98
N PHE A 238 0.17 -7.87 9.89
CA PHE A 238 -0.23 -6.76 9.03
C PHE A 238 -0.42 -7.34 7.64
N SER A 239 -1.08 -6.56 6.78
CA SER A 239 -1.37 -7.07 5.44
C SER A 239 -1.18 -6.09 4.28
N PHE A 240 -0.60 -6.58 3.19
CA PHE A 240 -0.52 -5.74 2.02
C PHE A 240 -1.81 -5.88 1.21
N HIS A 241 -2.44 -4.76 0.85
CA HIS A 241 -3.73 -4.69 0.17
C HIS A 241 -3.59 -3.89 -1.13
N ARG A 242 -4.15 -4.45 -2.22
CA ARG A 242 -4.00 -3.84 -3.53
C ARG A 242 -4.50 -2.40 -3.57
N GLU A 243 -5.60 -2.09 -2.88
CA GLU A 243 -6.06 -0.69 -2.86
C GLU A 243 -5.46 0.15 -1.72
N HIS A 244 -5.44 -0.39 -0.50
CA HIS A 244 -5.09 0.40 0.67
C HIS A 244 -3.65 0.23 1.14
N LEU A 245 -2.86 -0.62 0.48
CA LEU A 245 -1.45 -0.91 0.82
C LEU A 245 -1.38 -1.50 2.21
N LEU A 246 -0.75 -0.84 3.23
CA LEU A 246 -0.59 -1.38 4.58
C LEU A 246 -1.67 -0.91 5.54
N ARG A 247 -2.47 0.04 5.12
CA ARG A 247 -3.59 0.47 5.92
C ARG A 247 -4.72 -0.56 5.86
N TRP A 248 -5.34 -0.84 7.01
CA TRP A 248 -6.50 -1.72 7.07
C TRP A 248 -7.62 -1.09 6.24
N PRO A 249 -8.19 -1.82 5.29
CA PRO A 249 -9.29 -1.23 4.51
C PRO A 249 -10.46 -0.70 5.34
N ASP A 250 -10.93 -1.43 6.37
CA ASP A 250 -12.14 -1.00 7.08
C ASP A 250 -12.18 -1.65 8.47
N GLN A 251 -11.83 -0.87 9.50
CA GLN A 251 -11.82 -1.41 10.84
C GLN A 251 -13.18 -1.82 11.37
N SER A 252 -14.28 -1.42 10.75
CA SER A 252 -15.62 -1.76 11.18
C SER A 252 -16.21 -2.95 10.48
N ALA A 253 -15.55 -3.48 9.45
CA ALA A 253 -16.10 -4.57 8.65
C ALA A 253 -16.26 -5.83 9.48
N GLU A 254 -17.38 -6.45 9.38
CA GLU A 254 -17.60 -7.73 10.03
C GLU A 254 -16.92 -8.83 9.22
N PRO A 255 -16.20 -9.75 9.88
CA PRO A 255 -15.60 -10.88 9.13
C PRO A 255 -16.66 -11.68 8.38
N PRO A 256 -16.29 -12.36 7.30
CA PRO A 256 -17.23 -13.24 6.60
C PRO A 256 -17.37 -14.57 7.31
N SER A 257 -18.35 -15.35 6.86
CA SER A 257 -18.51 -16.72 7.35
C SER A 257 -17.55 -17.61 6.59
N PHE A 258 -16.81 -18.45 7.33
CA PHE A 258 -15.87 -19.40 6.74
C PHE A 258 -16.61 -20.74 6.65
N LEU A 259 -17.11 -21.04 5.45
CA LEU A 259 -17.92 -22.23 5.21
C LEU A 259 -17.00 -23.43 5.00
N PHE A 260 -17.31 -24.52 5.68
CA PHE A 260 -16.50 -25.72 5.60
C PHE A 260 -17.34 -26.87 5.04
N THR A 261 -16.73 -27.66 4.18
CA THR A 261 -17.32 -28.82 3.53
C THR A 261 -16.50 -30.05 3.90
N PRO A 262 -17.05 -31.03 4.60
CA PRO A 262 -16.20 -32.12 5.13
C PRO A 262 -15.83 -33.10 4.03
N PRO A 263 -14.73 -33.85 4.18
CA PRO A 263 -14.29 -34.71 3.11
C PRO A 263 -15.20 -35.92 2.98
N PRO A 264 -15.27 -36.52 1.80
CA PRO A 264 -16.02 -37.78 1.69
C PRO A 264 -15.26 -38.92 2.36
N ASN A 265 -16.00 -39.95 2.75
CA ASN A 265 -15.35 -41.14 3.30
C ASN A 265 -14.66 -41.94 2.21
N GLY A 266 -13.53 -42.54 2.54
CA GLY A 266 -12.77 -43.32 1.60
C GLY A 266 -11.35 -43.54 2.08
N ASP A 267 -10.58 -44.23 1.24
CA ASP A 267 -9.17 -44.48 1.52
C ASP A 267 -8.26 -43.58 0.70
N GLY A 268 -8.82 -42.71 -0.14
CA GLY A 268 -8.04 -41.81 -0.97
C GLY A 268 -7.31 -40.74 -0.19
N PRO A 269 -6.34 -40.11 -0.83
CA PRO A 269 -5.57 -39.05 -0.17
C PRO A 269 -6.47 -37.88 0.23
N LEU A 270 -6.25 -37.37 1.43
CA LEU A 270 -7.04 -36.26 1.96
C LEU A 270 -6.48 -34.92 1.50
N ALA A 271 -7.34 -34.10 0.92
CA ALA A 271 -6.94 -32.78 0.41
C ALA A 271 -7.69 -31.69 1.18
N LEU A 272 -6.97 -30.67 1.62
CA LEU A 272 -7.56 -29.48 2.24
C LEU A 272 -7.46 -28.37 1.19
N VAL A 273 -8.60 -27.97 0.66
CA VAL A 273 -8.72 -26.88 -0.29
C VAL A 273 -9.19 -25.60 0.42
N LEU A 274 -8.48 -24.51 0.18
CA LEU A 274 -8.80 -23.22 0.80
C LEU A 274 -9.15 -22.29 -0.35
N SER A 275 -10.43 -21.92 -0.45
CA SER A 275 -10.96 -21.07 -1.52
C SER A 275 -11.40 -19.73 -0.96
N ILE A 276 -10.44 -18.82 -0.74
CA ILE A 276 -10.70 -17.59 0.01
C ILE A 276 -10.44 -16.39 -0.89
N SER A 277 -9.27 -16.36 -1.53
CA SER A 277 -8.94 -15.39 -2.58
C SER A 277 -9.70 -15.66 -3.87
N ALA A 278 -10.02 -16.92 -4.14
CA ALA A 278 -10.58 -17.36 -5.41
C ALA A 278 -11.09 -18.78 -5.17
N GLN A 279 -11.99 -19.22 -6.05
CA GLN A 279 -12.48 -20.61 -6.08
C GLN A 279 -11.44 -21.48 -6.76
N VAL A 280 -10.87 -22.43 -6.00
CA VAL A 280 -9.99 -23.46 -6.55
C VAL A 280 -10.85 -24.47 -7.30
N PRO A 281 -10.62 -24.71 -8.60
CA PRO A 281 -11.39 -25.73 -9.32
C PRO A 281 -11.04 -27.14 -8.84
N VAL A 282 -12.06 -27.97 -8.61
CA VAL A 282 -11.80 -29.35 -8.19
C VAL A 282 -10.96 -30.09 -9.23
N ARG A 283 -11.24 -29.88 -10.51
CA ARG A 283 -10.52 -30.59 -11.56
C ARG A 283 -9.01 -30.43 -11.39
N ASP A 284 -8.58 -29.28 -10.86
CA ASP A 284 -7.16 -29.04 -10.75
C ASP A 284 -6.56 -29.80 -9.56
N VAL A 285 -7.38 -30.06 -8.54
CA VAL A 285 -6.93 -30.83 -7.37
C VAL A 285 -6.84 -32.29 -7.72
N THR A 286 -7.87 -32.84 -8.39
CA THR A 286 -7.89 -34.26 -8.71
C THR A 286 -6.90 -34.61 -9.81
N ASP A 287 -6.58 -33.67 -10.70
CA ASP A 287 -5.52 -33.89 -11.69
C ASP A 287 -4.18 -34.06 -11.01
N ALA A 288 -3.93 -33.28 -9.96
CA ALA A 288 -2.66 -33.34 -9.27
C ALA A 288 -2.59 -34.50 -8.30
N LEU A 289 -3.75 -34.96 -7.80
CA LEU A 289 -3.82 -35.91 -6.68
C LEU A 289 -5.00 -36.84 -6.94
N PRO A 290 -4.83 -37.81 -7.84
CA PRO A 290 -5.94 -38.66 -8.23
C PRO A 290 -6.48 -39.38 -7.01
N GLY A 291 -7.81 -39.47 -6.96
CA GLY A 291 -8.50 -40.07 -5.84
C GLY A 291 -8.65 -39.18 -4.64
N ALA A 292 -8.46 -37.88 -4.80
CA ALA A 292 -8.48 -36.95 -3.68
C ALA A 292 -9.86 -36.90 -3.02
N ARG A 293 -9.86 -36.91 -1.69
CA ARG A 293 -11.06 -36.70 -0.89
C ARG A 293 -10.95 -35.28 -0.34
N ILE A 294 -11.78 -34.38 -0.87
CA ILE A 294 -11.58 -32.95 -0.71
C ILE A 294 -12.44 -32.44 0.45
N ALA A 295 -11.78 -31.84 1.42
CA ALA A 295 -12.39 -30.96 2.40
C ALA A 295 -12.09 -29.53 1.98
N GLU A 296 -13.06 -28.63 2.13
CA GLU A 296 -12.88 -27.26 1.67
C GLU A 296 -13.35 -26.22 2.67
N LEU A 297 -12.50 -25.22 2.93
CA LEU A 297 -12.89 -24.03 3.66
C LEU A 297 -12.99 -22.92 2.63
N SER A 298 -14.06 -22.12 2.72
CA SER A 298 -14.29 -21.07 1.71
C SER A 298 -15.07 -19.92 2.35
N ILE A 299 -15.21 -18.83 1.60
CA ILE A 299 -16.13 -17.76 1.99
C ILE A 299 -17.18 -17.62 0.89
N PRO A 300 -18.33 -17.01 1.22
CA PRO A 300 -19.43 -16.91 0.21
C PRO A 300 -19.01 -16.25 -1.10
N GLU A 301 -18.13 -15.27 -1.04
CA GLU A 301 -17.72 -14.54 -2.23
C GLU A 301 -16.21 -14.40 -2.27
N PRO A 302 -15.49 -15.40 -2.76
CA PRO A 302 -14.00 -15.31 -2.81
C PRO A 302 -13.54 -14.02 -3.48
N SER A 303 -12.57 -13.34 -2.86
CA SER A 303 -12.10 -12.07 -3.35
C SER A 303 -10.70 -11.79 -2.80
N TYR A 304 -9.88 -11.24 -3.69
CA TYR A 304 -8.54 -10.84 -3.31
C TYR A 304 -8.52 -9.76 -2.25
N ALA A 305 -9.61 -9.01 -2.10
CA ALA A 305 -9.70 -7.82 -1.26
C ALA A 305 -10.20 -8.09 0.15
N MET A 306 -10.45 -9.35 0.52
CA MET A 306 -11.24 -9.67 1.71
C MET A 306 -10.58 -9.38 3.06
N VAL A 307 -9.27 -9.12 3.11
CA VAL A 307 -8.63 -8.87 4.40
C VAL A 307 -8.87 -7.40 4.78
N GLN A 308 -10.04 -7.16 5.37
CA GLN A 308 -10.47 -5.80 5.67
C GLN A 308 -9.88 -5.24 6.96
N ASN A 309 -9.51 -6.10 7.92
CA ASN A 309 -8.97 -5.76 9.22
C ASN A 309 -8.39 -7.01 9.85
N ARG A 310 -7.69 -6.82 10.96
CA ARG A 310 -7.10 -7.99 11.62
C ARG A 310 -8.15 -8.96 12.18
N ARG A 311 -9.34 -8.48 12.58
CA ARG A 311 -10.36 -9.42 13.04
C ARG A 311 -10.74 -10.46 11.98
N VAL A 312 -10.69 -10.10 10.70
CA VAL A 312 -10.88 -11.05 9.59
C VAL A 312 -9.82 -12.14 9.67
N ILE A 313 -8.58 -11.74 9.88
CA ILE A 313 -7.50 -12.71 9.99
C ILE A 313 -7.72 -13.64 11.18
N HIS A 314 -8.09 -13.09 12.35
CA HIS A 314 -8.35 -13.90 13.54
C HIS A 314 -9.52 -14.85 13.35
N ALA A 315 -10.54 -14.46 12.58
CA ALA A 315 -11.69 -15.33 12.35
C ALA A 315 -11.32 -16.53 11.47
N PHE A 316 -10.44 -16.30 10.49
CA PHE A 316 -9.93 -17.39 9.66
C PHE A 316 -9.19 -18.39 10.52
N ARG A 317 -8.26 -17.90 11.33
CA ARG A 317 -7.51 -18.74 12.25
C ARG A 317 -8.43 -19.60 13.10
N ASP A 318 -9.41 -18.99 13.79
CA ASP A 318 -10.36 -19.75 14.61
C ASP A 318 -11.14 -20.79 13.82
N ALA A 319 -11.62 -20.43 12.64
CA ALA A 319 -12.35 -21.37 11.81
C ALA A 319 -11.48 -22.53 11.36
N LEU A 320 -10.19 -22.29 11.13
CA LEU A 320 -9.33 -23.33 10.57
C LEU A 320 -8.75 -24.19 11.67
N GLN A 321 -8.43 -23.59 12.82
CA GLN A 321 -7.98 -24.37 13.99
C GLN A 321 -8.95 -25.49 14.29
N ILE A 322 -10.25 -25.16 14.29
CA ILE A 322 -11.30 -26.16 14.44
C ILE A 322 -11.13 -27.27 13.40
N ARG A 323 -11.17 -26.90 12.12
CA ARG A 323 -11.23 -27.92 11.07
C ARG A 323 -9.96 -28.77 10.99
N LEU A 324 -8.79 -28.20 11.32
CA LEU A 324 -7.53 -28.95 11.14
C LEU A 324 -7.46 -30.12 12.11
N SER A 325 -7.89 -29.92 13.35
CA SER A 325 -7.90 -31.03 14.31
C SER A 325 -8.87 -32.14 13.89
N GLN A 326 -10.05 -31.77 13.37
CA GLN A 326 -10.97 -32.76 12.83
C GLN A 326 -10.34 -33.59 11.72
N LEU A 327 -9.68 -32.93 10.75
CA LEU A 327 -9.12 -33.64 9.60
C LEU A 327 -7.95 -34.54 9.98
N GLU A 328 -7.12 -34.10 10.93
CA GLU A 328 -6.00 -34.95 11.34
C GLU A 328 -6.47 -36.23 12.03
N ALA A 329 -7.67 -36.21 12.63
CA ALA A 329 -8.23 -37.42 13.23
C ALA A 329 -8.64 -38.46 12.18
N LEU A 330 -9.10 -38.00 11.02
CA LEU A 330 -9.58 -38.91 9.99
C LEU A 330 -8.50 -39.88 9.53
N THR A 331 -7.24 -39.51 9.64
CA THR A 331 -6.18 -40.32 9.04
C THR A 331 -4.80 -39.91 9.54
N PRO A 332 -3.86 -40.85 9.67
CA PRO A 332 -2.49 -40.50 10.04
C PRO A 332 -1.61 -40.12 8.87
N ASP A 333 -2.09 -40.31 7.63
CA ASP A 333 -1.38 -39.95 6.42
C ASP A 333 -1.44 -38.45 6.15
N PRO A 334 -0.51 -37.93 5.36
CA PRO A 334 -0.39 -36.46 5.23
C PRO A 334 -1.64 -35.77 4.65
N ILE A 335 -1.81 -34.52 5.03
CA ILE A 335 -2.82 -33.65 4.47
C ILE A 335 -2.21 -32.82 3.33
N HIS A 336 -2.90 -32.79 2.18
CA HIS A 336 -2.41 -32.14 0.97
C HIS A 336 -3.14 -30.82 0.77
N VAL A 337 -2.42 -29.71 0.77
CA VAL A 337 -3.00 -28.38 0.83
C VAL A 337 -2.98 -27.74 -0.55
N PHE A 338 -4.14 -27.28 -1.00
CA PHE A 338 -4.32 -26.50 -2.22
C PHE A 338 -5.03 -25.21 -1.82
N ALA A 339 -4.31 -24.08 -1.88
CA ALA A 339 -4.77 -22.84 -1.24
C ALA A 339 -4.69 -21.65 -2.17
N ALA A 340 -5.83 -20.96 -2.35
CA ALA A 340 -5.88 -19.66 -3.01
C ALA A 340 -6.32 -18.71 -1.89
N ILE A 341 -5.35 -18.21 -1.12
CA ILE A 341 -5.60 -17.42 0.09
C ILE A 341 -4.72 -16.18 0.06
N PRO A 342 -5.18 -15.09 0.74
CA PRO A 342 -4.32 -13.92 0.90
C PRO A 342 -3.07 -14.21 1.72
N ALA A 343 -2.04 -13.40 1.44
CA ALA A 343 -0.72 -13.65 2.04
C ALA A 343 -0.74 -13.65 3.56
N ALA A 344 -1.52 -12.75 4.22
CA ALA A 344 -1.58 -12.70 5.68
C ALA A 344 -2.20 -13.97 6.25
N LEU A 345 -3.15 -14.56 5.53
CA LEU A 345 -3.75 -15.83 5.99
C LEU A 345 -2.80 -16.99 5.79
N ALA A 346 -1.97 -16.96 4.76
CA ALA A 346 -0.94 -18.00 4.62
C ALA A 346 -0.02 -18.02 5.86
N ILE A 347 0.36 -16.84 6.33
CA ILE A 347 1.23 -16.79 7.52
C ILE A 347 0.52 -17.38 8.73
N GLU A 348 -0.78 -17.07 8.90
CA GLU A 348 -1.54 -17.58 10.03
C GLU A 348 -1.73 -19.09 9.96
N PHE A 349 -2.02 -19.63 8.77
CA PHE A 349 -2.04 -21.09 8.59
C PHE A 349 -0.73 -21.72 9.10
N GLY A 350 0.41 -21.21 8.65
CA GLY A 350 1.67 -21.75 9.15
C GLY A 350 1.75 -21.74 10.66
N ALA A 351 1.39 -20.60 11.30
CA ALA A 351 1.45 -20.48 12.75
C ALA A 351 0.55 -21.50 13.44
N LEU A 352 -0.52 -21.95 12.81
CA LEU A 352 -1.31 -22.99 13.45
C LEU A 352 -0.59 -24.33 13.49
N LEU A 353 0.41 -24.55 12.67
CA LEU A 353 1.06 -25.85 12.55
C LEU A 353 2.29 -25.96 13.43
N THR A 354 2.47 -25.03 14.34
CA THR A 354 3.74 -24.93 15.05
C THR A 354 3.94 -26.13 15.95
N THR A 355 3.22 -26.15 17.08
CA THR A 355 3.37 -27.22 18.04
C THR A 355 2.10 -28.03 18.24
N GLN A 356 0.93 -27.45 17.91
CA GLN A 356 -0.33 -28.15 18.15
C GLN A 356 -0.59 -29.15 17.04
N HIS A 357 -0.90 -28.64 15.84
CA HIS A 357 -1.16 -29.48 14.68
C HIS A 357 0.18 -30.00 14.12
N GLN A 358 0.65 -31.08 14.74
CA GLN A 358 1.95 -31.67 14.42
C GLN A 358 1.80 -32.85 13.46
N HIS A 359 0.90 -32.75 12.51
CA HIS A 359 0.67 -33.69 11.43
C HIS A 359 1.45 -33.20 10.21
N THR A 360 1.75 -34.11 9.29
CA THR A 360 2.51 -33.75 8.10
C THR A 360 1.60 -33.14 7.05
N TYR A 361 1.95 -31.93 6.60
CA TYR A 361 1.20 -31.21 5.58
C TYR A 361 2.09 -31.07 4.36
N LEU A 362 1.59 -31.50 3.20
CA LEU A 362 2.31 -31.37 1.93
C LEU A 362 1.63 -30.25 1.15
N ILE A 363 2.40 -29.19 0.88
CA ILE A 363 1.86 -27.98 0.27
C ILE A 363 2.01 -28.00 -1.26
N PHE A 364 0.88 -27.97 -1.97
CA PHE A 364 0.84 -27.86 -3.43
C PHE A 364 0.69 -26.39 -3.81
N ASP A 365 1.22 -26.04 -4.97
CA ASP A 365 1.16 -24.67 -5.47
C ASP A 365 1.08 -24.68 -6.99
N ARG A 366 0.59 -23.57 -7.53
CA ARG A 366 0.52 -23.41 -8.97
C ARG A 366 1.92 -23.35 -9.53
N ASP A 367 2.15 -24.08 -10.62
CA ASP A 367 3.47 -24.24 -11.25
C ASP A 367 3.45 -23.63 -12.65
N LYS A 368 4.15 -22.51 -12.82
CA LYS A 368 4.19 -21.89 -14.15
C LYS A 368 4.99 -22.69 -15.16
N GLU A 369 5.87 -23.58 -14.69
CA GLU A 369 6.63 -24.49 -15.54
C GLU A 369 5.82 -25.72 -15.97
N ASN A 370 4.66 -25.98 -15.37
CA ASN A 370 3.79 -27.09 -15.76
C ASN A 370 2.39 -26.59 -16.09
N GLN A 371 2.30 -25.51 -16.85
CA GLN A 371 1.02 -25.03 -17.39
C GLN A 371 0.00 -24.71 -16.30
N ASP A 372 0.44 -24.25 -15.13
CA ASP A 372 -0.45 -23.80 -14.07
C ASP A 372 -1.03 -24.98 -13.31
N ARG A 373 -0.56 -26.18 -13.58
CA ARG A 373 -0.93 -27.30 -12.74
C ARG A 373 -0.41 -27.10 -11.31
N PHE A 374 -1.16 -27.66 -10.34
CA PHE A 374 -0.71 -27.80 -8.95
C PHE A 374 0.39 -28.86 -8.89
N THR A 375 1.54 -28.52 -8.30
CA THR A 375 2.60 -29.48 -8.01
C THR A 375 3.04 -29.32 -6.56
N GLN A 376 3.67 -30.36 -6.04
CA GLN A 376 4.11 -30.37 -4.66
C GLN A 376 5.37 -29.52 -4.45
N THR A 377 5.40 -28.80 -3.33
CA THR A 377 6.49 -27.87 -3.02
C THR A 377 7.14 -28.24 -1.68
N LEU A 378 6.71 -27.63 -0.58
CA LEU A 378 7.32 -27.85 0.72
C LEU A 378 6.51 -28.83 1.57
N GLN A 379 7.20 -29.56 2.42
CA GLN A 379 6.57 -30.37 3.43
C GLN A 379 6.72 -29.68 4.78
N LEU A 380 5.59 -29.49 5.46
CA LEU A 380 5.58 -28.89 6.77
C LEU A 380 5.13 -29.89 7.85
N GLY A 381 5.58 -29.64 9.06
CA GLY A 381 5.16 -30.47 10.16
C GLY A 381 6.36 -30.97 10.91
N PRO A 382 6.28 -32.21 11.42
CA PRO A 382 7.40 -32.80 12.17
C PRO A 382 8.35 -33.59 11.27
N ALA B 10 4.27 17.83 42.37
CA ALA B 10 5.11 17.08 43.31
C ALA B 10 6.49 17.72 43.55
N SER B 11 6.64 18.37 44.71
CA SER B 11 7.88 19.00 45.14
C SER B 11 8.37 19.93 44.02
N GLY B 12 9.63 19.87 43.64
CA GLY B 12 10.23 20.91 42.81
C GLY B 12 9.72 20.97 41.37
N ARG B 13 10.23 21.97 40.67
CA ARG B 13 9.92 22.23 39.27
C ARG B 13 11.18 22.52 38.46
N PHE B 14 11.22 21.98 37.25
CA PHE B 14 12.36 22.13 36.37
C PHE B 14 12.32 23.48 35.64
N ASN B 15 13.48 24.15 35.56
CA ASN B 15 13.56 25.47 34.96
C ASN B 15 14.12 25.37 33.55
N THR B 16 13.51 26.12 32.63
CA THR B 16 13.90 26.17 31.24
C THR B 16 13.87 27.62 30.76
N ASN B 17 14.86 28.00 29.95
CA ASN B 17 14.80 29.29 29.28
C ASN B 17 13.89 29.24 28.05
N ASP B 18 13.70 30.38 27.41
CA ASP B 18 12.71 30.47 26.34
C ASP B 18 13.17 29.69 25.12
N GLU B 19 14.47 29.67 24.88
CA GLU B 19 14.90 28.94 23.70
C GLU B 19 14.62 27.46 23.86
N THR B 20 14.83 26.92 25.07
CA THR B 20 14.59 25.51 25.32
C THR B 20 13.10 25.22 25.19
N LYS B 21 12.26 26.13 25.68
CA LYS B 21 10.82 25.95 25.54
C LYS B 21 10.42 25.84 24.08
N ARG B 22 10.96 26.72 23.23
CA ARG B 22 10.60 26.71 21.81
C ARG B 22 10.97 25.39 21.16
N ILE B 23 12.13 24.82 21.57
CA ILE B 23 12.58 23.56 21.00
C ILE B 23 11.69 22.42 21.42
N VAL B 24 11.31 22.36 22.69
CA VAL B 24 10.49 21.27 23.21
C VAL B 24 9.10 21.32 22.60
N TRP B 25 8.49 22.52 22.57
CA TRP B 25 7.19 22.71 21.91
C TRP B 25 7.23 22.25 20.45
N THR B 26 8.31 22.52 19.71
CA THR B 26 8.34 22.13 18.30
C THR B 26 8.45 20.60 18.14
N GLN B 27 9.35 19.94 18.88
CA GLN B 27 9.55 18.49 18.72
C GLN B 27 8.35 17.69 19.22
N THR B 28 7.48 18.28 20.04
CA THR B 28 6.30 17.55 20.50
C THR B 28 5.06 17.94 19.70
N ALA B 29 5.17 18.92 18.80
CA ALA B 29 4.00 19.42 18.06
C ALA B 29 2.97 20.12 18.98
N GLY B 30 3.39 20.53 20.16
CA GLY B 30 2.55 21.28 21.06
C GLY B 30 1.44 20.50 21.70
N HIS B 31 1.60 19.18 21.89
CA HIS B 31 0.66 18.38 22.67
C HIS B 31 1.31 17.80 23.90
N CYS B 32 0.45 17.53 24.92
CA CYS B 32 0.86 16.81 26.13
C CYS B 32 1.21 15.38 25.76
N GLU B 33 2.39 14.93 26.17
CA GLU B 33 2.88 13.60 25.80
C GLU B 33 2.21 12.46 26.59
N LEU B 34 1.46 12.77 27.64
CA LEU B 34 0.80 11.72 28.39
C LEU B 34 -0.68 11.63 28.10
N CYS B 35 -1.35 12.72 27.75
CA CYS B 35 -2.76 12.64 27.38
C CYS B 35 -3.11 13.09 25.97
N GLY B 36 -2.18 13.71 25.24
CA GLY B 36 -2.47 14.08 23.88
C GLY B 36 -3.26 15.35 23.69
N THR B 37 -3.53 16.11 24.75
CA THR B 37 -4.27 17.35 24.58
C THR B 37 -3.43 18.37 23.80
N ASP B 38 -4.05 19.07 22.86
CA ASP B 38 -3.41 20.16 22.11
C ASP B 38 -3.28 21.36 23.03
N LEU B 39 -2.06 21.73 23.35
CA LEU B 39 -1.83 22.83 24.26
C LEU B 39 -1.75 24.18 23.55
N THR B 40 -2.06 24.24 22.25
CA THR B 40 -2.26 25.51 21.57
C THR B 40 -3.71 25.99 21.56
N PHE B 41 -4.57 25.45 22.44
CA PHE B 41 -6.00 25.79 22.44
C PHE B 41 -6.23 27.31 22.57
N ASP B 42 -5.47 27.99 23.43
CA ASP B 42 -5.66 29.41 23.62
C ASP B 42 -5.52 30.15 22.30
N TYR B 43 -4.48 29.83 21.53
CA TYR B 43 -4.26 30.53 20.27
C TYR B 43 -5.42 30.29 19.30
N ARG B 44 -5.86 29.03 19.17
CA ARG B 44 -6.98 28.71 18.30
C ARG B 44 -8.24 29.47 18.68
N ALA B 45 -8.35 29.92 19.93
CA ALA B 45 -9.53 30.62 20.39
C ALA B 45 -9.42 32.12 20.26
N GLY B 46 -8.26 32.64 19.84
CA GLY B 46 -8.04 34.07 19.77
C GLY B 46 -7.41 34.69 21.00
N LYS B 47 -7.30 33.94 22.08
CA LYS B 47 -6.64 34.35 23.30
C LYS B 47 -5.11 34.27 23.16
N PRO B 48 -4.39 35.18 23.78
CA PRO B 48 -2.94 35.14 23.71
C PRO B 48 -2.36 33.87 24.32
N MET B 49 -1.26 33.40 23.73
CA MET B 49 -0.57 32.21 24.23
C MET B 49 0.32 32.56 25.43
N LYS B 50 0.15 31.81 26.53
CA LYS B 50 0.97 31.93 27.72
C LYS B 50 1.72 30.61 27.79
N TRP B 51 2.75 30.49 26.93
CA TRP B 51 3.45 29.23 26.72
C TRP B 51 3.91 28.60 28.01
N GLY B 52 4.44 29.40 28.95
CA GLY B 52 4.94 28.83 30.19
C GLY B 52 3.88 28.49 31.25
N GLU B 53 2.63 28.86 31.02
CA GLU B 53 1.56 28.58 31.97
C GLU B 53 0.73 27.38 31.56
N VAL B 54 0.47 27.20 30.25
CA VAL B 54 -0.38 26.10 29.82
C VAL B 54 0.38 24.80 29.67
N ALA B 55 1.70 24.80 29.93
CA ALA B 55 2.51 23.59 29.81
C ALA B 55 3.63 23.62 30.85
N ALA B 56 4.07 22.42 31.23
CA ALA B 56 5.28 22.24 32.02
C ALA B 56 6.29 21.41 31.23
N ILE B 57 7.57 21.71 31.38
CA ILE B 57 8.63 20.96 30.72
C ILE B 57 9.37 20.21 31.82
N LEU B 58 9.55 18.91 31.63
CA LEU B 58 10.07 17.98 32.66
C LEU B 58 11.07 17.05 32.00
N PRO B 59 12.25 16.83 32.58
CA PRO B 59 13.12 15.78 32.06
C PRO B 59 12.42 14.42 32.11
N ALA B 60 12.63 13.64 31.07
CA ALA B 60 11.96 12.35 31.07
C ALA B 60 12.56 11.30 32.01
N SER B 61 13.80 11.49 32.50
CA SER B 61 14.49 10.48 33.30
C SER B 61 14.90 11.02 34.64
N PRO B 62 14.89 10.18 35.68
CA PRO B 62 15.36 10.63 36.98
C PRO B 62 16.80 11.10 36.89
N LYS B 63 17.10 12.10 37.71
CA LYS B 63 18.43 12.69 37.80
C LYS B 63 19.54 11.63 37.81
N ALA B 75 24.20 12.03 31.77
CA ALA B 75 24.36 13.48 31.88
C ALA B 75 23.79 14.18 30.63
N HIS B 76 22.74 13.58 30.07
CA HIS B 76 21.93 14.19 29.03
C HIS B 76 20.48 14.32 29.46
N THR B 77 20.24 14.23 30.78
CA THR B 77 18.90 14.37 31.34
C THR B 77 18.28 15.72 30.97
N ASN B 78 19.11 16.77 30.85
CA ASN B 78 18.68 18.12 30.48
C ASN B 78 18.80 18.42 29.00
N ASP B 79 19.46 17.56 28.21
CA ASP B 79 19.48 17.72 26.76
C ASP B 79 18.06 17.86 26.25
N THR B 80 17.88 18.75 25.26
CA THR B 80 16.54 19.07 24.81
C THR B 80 15.79 17.83 24.39
N ALA B 81 16.48 16.86 23.80
CA ALA B 81 15.80 15.68 23.32
C ALA B 81 15.27 14.81 24.43
N ASN B 82 15.81 14.92 25.65
N ASN B 82 15.81 14.92 25.65
CA ASN B 82 15.37 14.18 26.82
CA ASN B 82 15.37 14.18 26.82
C ASN B 82 14.43 15.00 27.71
C ASN B 82 14.43 15.00 27.71
N LEU B 83 13.82 16.04 27.15
CA LEU B 83 12.89 16.90 27.87
C LEU B 83 11.47 16.69 27.33
N MET B 84 10.48 16.67 28.23
CA MET B 84 9.10 16.36 27.88
C MET B 84 8.21 17.58 27.95
N LEU B 85 7.16 17.61 27.12
CA LEU B 85 6.08 18.58 27.25
C LEU B 85 4.83 17.96 27.86
N LEU B 86 4.36 18.51 28.98
CA LEU B 86 3.16 18.00 29.65
C LEU B 86 2.21 19.15 29.94
N CYS B 87 0.91 18.86 29.88
CA CYS B 87 -0.09 19.77 30.43
C CYS B 87 0.00 19.82 31.95
N PRO B 88 -0.51 20.90 32.58
CA PRO B 88 -0.35 21.02 34.04
C PRO B 88 -1.01 19.88 34.81
N GLY B 89 -2.17 19.40 34.33
CA GLY B 89 -2.85 18.32 35.03
C GLY B 89 -2.02 17.06 35.09
N CYS B 90 -1.44 16.65 33.94
CA CYS B 90 -0.59 15.46 33.92
C CYS B 90 0.73 15.67 34.66
N HIS B 91 1.29 16.89 34.60
CA HIS B 91 2.49 17.21 35.38
C HIS B 91 2.27 17.04 36.89
N ASP B 92 1.06 17.34 37.36
CA ASP B 92 0.80 17.26 38.79
C ASP B 92 0.74 15.83 39.31
N LYS B 93 0.40 14.86 38.46
CA LYS B 93 0.42 13.43 38.80
C LYS B 93 1.81 12.77 38.69
N ILE B 94 2.85 13.54 38.40
CA ILE B 94 4.22 13.04 38.32
C ILE B 94 4.91 13.35 39.63
N ASP B 95 5.38 12.31 40.32
CA ASP B 95 6.18 12.50 41.52
C ASP B 95 7.54 12.99 41.10
N ARG B 96 7.99 14.10 41.69
CA ARG B 96 9.27 14.71 41.34
C ARG B 96 10.06 15.06 42.59
N ASP B 97 11.38 15.08 42.45
CA ASP B 97 12.25 15.49 43.54
C ASP B 97 12.33 17.02 43.61
N ALA B 98 13.10 17.52 44.57
CA ALA B 98 13.17 18.97 44.76
C ALA B 98 13.80 19.72 43.58
N ASP B 99 14.31 19.03 42.58
CA ASP B 99 14.95 19.67 41.43
C ASP B 99 14.04 19.70 40.22
N GLY B 100 12.86 19.08 40.30
CA GLY B 100 11.97 18.98 39.17
C GLY B 100 12.17 17.77 38.29
N TYR B 101 13.07 16.85 38.63
CA TYR B 101 13.24 15.63 37.87
C TYR B 101 12.22 14.59 38.31
N PRO B 102 11.72 13.77 37.39
CA PRO B 102 10.82 12.69 37.80
C PRO B 102 11.56 11.69 38.69
N GLU B 103 10.78 11.03 39.53
CA GLU B 103 11.32 9.96 40.35
C GLU B 103 11.27 8.63 39.64
N ASN B 104 10.31 8.46 38.73
CA ASN B 104 10.18 7.28 37.88
C ASN B 104 10.56 7.66 36.46
N ASP B 105 11.06 6.69 35.72
CA ASP B 105 11.56 6.91 34.37
C ASP B 105 10.44 6.86 33.34
N LEU B 106 10.31 7.93 32.56
CA LEU B 106 9.36 8.00 31.45
C LEU B 106 10.07 8.09 30.11
N SER B 107 11.35 7.71 30.06
CA SER B 107 12.18 7.80 28.86
C SER B 107 11.58 6.98 27.71
N GLY B 108 11.09 5.79 27.99
CA GLY B 108 10.56 4.98 26.91
C GLY B 108 9.30 5.57 26.29
N LEU B 109 8.36 5.92 27.12
CA LEU B 109 7.16 6.55 26.63
C LEU B 109 7.50 7.83 25.84
N HIS B 110 8.44 8.65 26.33
CA HIS B 110 8.81 9.92 25.66
C HIS B 110 9.48 9.69 24.29
N GLN B 111 10.40 8.77 24.23
CA GLN B 111 11.04 8.49 22.97
C GLN B 111 10.06 7.90 21.96
N ALA B 112 9.09 7.11 22.43
CA ALA B 112 8.05 6.59 21.55
C ALA B 112 7.20 7.74 20.99
N TYR B 113 6.86 8.70 21.84
CA TYR B 113 6.01 9.81 21.41
C TYR B 113 6.70 10.63 20.33
N LEU B 114 7.97 10.96 20.58
CA LEU B 114 8.77 11.67 19.58
C LEU B 114 8.87 10.92 18.26
N GLU B 115 9.04 9.61 18.33
CA GLU B 115 9.12 8.79 17.13
C GLU B 115 7.83 8.87 16.34
N ARG B 116 6.68 8.89 17.00
CA ARG B 116 5.43 8.95 16.23
C ARG B 116 5.24 10.31 15.54
N ILE B 117 5.71 11.37 16.19
CA ILE B 117 5.65 12.71 15.63
C ILE B 117 6.58 12.81 14.42
N ARG B 118 7.79 12.25 14.51
CA ARG B 118 8.74 12.30 13.40
C ARG B 118 8.24 11.53 12.17
N LEU B 119 7.62 10.38 12.42
CA LEU B 119 7.12 9.58 11.32
C LEU B 119 6.09 10.35 10.56
N ALA B 120 5.24 11.09 11.28
CA ALA B 120 4.23 11.89 10.61
C ALA B 120 4.83 13.11 9.92
N ALA B 121 5.77 13.76 10.58
CA ALA B 121 6.43 14.94 10.01
C ALA B 121 7.27 14.62 8.76
N THR B 122 7.74 13.38 8.63
CA THR B 122 8.54 13.01 7.47
C THR B 122 7.70 12.39 6.38
N THR B 123 6.39 12.26 6.59
CA THR B 123 5.52 11.62 5.61
C THR B 123 5.58 12.19 4.20
N PRO B 124 5.82 13.50 4.00
CA PRO B 124 5.97 14.01 2.63
C PRO B 124 7.11 13.37 1.85
N ASP B 125 8.17 12.86 2.50
CA ASP B 125 9.18 12.23 1.63
C ASP B 125 8.73 10.82 1.20
N GLY B 126 7.69 10.29 1.85
CA GLY B 126 7.06 9.09 1.32
C GLY B 126 6.41 9.27 -0.04
N GLY B 127 6.38 10.49 -0.58
CA GLY B 127 5.83 10.77 -1.90
C GLY B 127 6.79 10.66 -3.08
N ARG B 128 8.08 10.36 -2.83
CA ARG B 128 9.08 10.30 -3.88
C ARG B 128 8.56 9.37 -4.95
N ALA B 129 8.59 9.78 -6.20
CA ALA B 129 7.85 9.08 -7.27
C ALA B 129 8.51 9.22 -8.65
N ILE B 130 8.30 8.20 -9.49
CA ILE B 130 8.72 8.15 -10.89
C ILE B 130 7.52 8.46 -11.79
N PRO B 131 7.56 9.54 -12.59
CA PRO B 131 6.51 9.70 -13.58
C PRO B 131 6.69 8.77 -14.80
N LEU B 132 5.57 8.22 -15.27
CA LEU B 132 5.58 7.33 -16.41
C LEU B 132 4.35 7.61 -17.26
N ILE B 133 4.55 8.08 -18.48
CA ILE B 133 3.50 8.23 -19.49
C ILE B 133 3.75 7.21 -20.59
N VAL B 134 2.72 6.44 -20.94
CA VAL B 134 2.82 5.46 -22.02
C VAL B 134 1.71 5.69 -23.04
N GLN B 135 2.09 5.80 -24.30
CA GLN B 135 1.12 6.05 -25.34
C GLN B 135 1.37 5.23 -26.59
N SER B 136 0.32 5.04 -27.37
CA SER B 136 0.51 4.59 -28.74
C SER B 136 1.05 5.72 -29.60
N GLN B 137 1.67 5.37 -30.75
CA GLN B 137 2.12 6.39 -31.68
C GLN B 137 0.94 7.25 -32.12
N HIS B 138 -0.23 6.63 -32.29
CA HIS B 138 -1.42 7.36 -32.72
C HIS B 138 -1.83 8.40 -31.69
N PHE B 139 -2.03 8.00 -30.41
CA PHE B 139 -2.50 8.98 -29.42
C PHE B 139 -1.40 9.97 -29.05
N GLN B 140 -0.14 9.57 -29.20
CA GLN B 140 0.94 10.53 -29.04
C GLN B 140 0.83 11.65 -30.07
N THR B 141 0.41 11.33 -31.31
CA THR B 141 0.23 12.34 -32.35
C THR B 141 -1.05 13.14 -32.16
N ILE B 142 -2.17 12.47 -31.89
CA ILE B 142 -3.46 13.15 -31.77
C ILE B 142 -3.70 13.75 -30.37
N ASN B 143 -3.11 13.22 -29.32
CA ASN B 143 -3.52 13.64 -27.98
C ASN B 143 -2.34 13.42 -27.06
N ASP B 144 -1.25 14.14 -27.35
CA ASP B 144 -0.04 14.01 -26.56
C ASP B 144 -0.28 14.46 -25.12
N ILE B 145 0.19 13.65 -24.18
CA ILE B 145 0.11 13.96 -22.76
C ILE B 145 1.50 14.44 -22.35
N PRO B 146 1.72 15.74 -22.13
CA PRO B 146 3.03 16.20 -21.66
C PRO B 146 3.30 15.90 -20.19
N VAL B 147 4.58 15.75 -19.87
CA VAL B 147 4.99 15.43 -18.50
C VAL B 147 4.49 16.50 -17.53
N ARG B 148 4.51 17.76 -17.94
CA ARG B 148 4.00 18.81 -17.06
C ARG B 148 2.60 18.48 -16.50
N ASP B 149 1.69 17.96 -17.33
CA ASP B 149 0.32 17.70 -16.86
C ASP B 149 0.26 16.55 -15.87
N LEU B 150 1.12 15.56 -16.03
CA LEU B 150 1.20 14.49 -15.07
C LEU B 150 1.83 15.00 -13.77
N LEU B 151 2.91 15.77 -13.90
CA LEU B 151 3.57 16.29 -12.72
C LEU B 151 2.63 17.13 -11.85
N THR B 152 1.89 18.08 -12.44
CA THR B 152 1.02 18.88 -11.56
C THR B 152 -0.08 18.05 -10.87
N ALA B 153 -0.60 17.02 -11.57
CA ALA B 153 -1.57 16.12 -10.97
C ALA B 153 -0.93 15.29 -9.87
N MET B 154 0.31 14.82 -10.10
CA MET B 154 1.10 14.15 -9.07
C MET B 154 1.33 15.06 -7.84
N SER B 155 1.81 16.28 -8.09
CA SER B 155 2.16 17.20 -7.03
C SER B 155 0.95 17.47 -6.10
N ALA B 156 -0.24 17.60 -6.70
CA ALA B 156 -1.43 17.93 -5.91
C ALA B 156 -1.81 16.82 -4.95
N GLU B 157 -1.40 15.57 -5.22
CA GLU B 157 -1.61 14.42 -4.36
C GLU B 157 -0.40 14.12 -3.49
N GLY B 158 0.68 14.89 -3.58
CA GLY B 158 1.81 14.68 -2.69
C GLY B 158 2.88 13.80 -3.31
N LEU B 159 2.76 13.49 -4.60
CA LEU B 159 3.71 12.63 -5.29
C LEU B 159 4.72 13.59 -5.93
N THR B 160 6.01 13.32 -5.73
CA THR B 160 7.08 14.29 -5.93
C THR B 160 8.18 13.59 -6.74
N ALA B 161 8.23 13.91 -8.04
CA ALA B 161 9.34 13.51 -8.91
C ALA B 161 10.60 14.26 -8.55
N PHE B 162 11.73 13.59 -8.76
CA PHE B 162 13.06 14.07 -8.40
C PHE B 162 13.98 14.04 -9.61
N ASP B 163 13.54 13.49 -10.74
CA ASP B 163 14.27 13.49 -11.99
C ASP B 163 13.24 13.55 -13.13
N GLN B 164 13.76 13.46 -14.34
CA GLN B 164 12.97 13.57 -15.58
C GLN B 164 12.00 12.39 -15.65
N GLY B 165 10.78 12.66 -16.11
CA GLY B 165 9.80 11.59 -16.25
C GLY B 165 10.14 10.65 -17.40
N ILE B 166 9.68 9.42 -17.30
CA ILE B 166 9.71 8.49 -18.42
C ILE B 166 8.49 8.72 -19.30
N LYS B 167 8.73 8.95 -20.58
CA LYS B 167 7.64 9.06 -21.55
C LYS B 167 7.97 8.13 -22.71
N ILE B 168 7.18 7.07 -22.84
CA ILE B 168 7.39 5.97 -23.76
C ILE B 168 6.27 6.01 -24.81
N ALA B 169 6.59 5.55 -26.01
CA ALA B 169 5.57 5.29 -27.02
C ALA B 169 5.76 3.90 -27.58
N PHE B 170 4.71 3.06 -27.48
CA PHE B 170 4.79 1.70 -28.01
C PHE B 170 5.23 1.66 -29.48
N ALA B 171 6.17 0.77 -29.74
CA ALA B 171 6.68 0.62 -31.08
C ALA B 171 5.59 0.21 -32.07
N ALA B 172 5.65 0.73 -33.28
CA ALA B 172 4.68 0.28 -34.26
C ALA B 172 5.03 -1.14 -34.73
N PRO B 173 4.05 -1.98 -34.99
CA PRO B 173 4.38 -3.35 -35.37
C PRO B 173 4.89 -3.44 -36.81
N GLY B 174 5.80 -4.39 -37.04
CA GLY B 174 6.28 -4.70 -38.36
C GLY B 174 5.29 -5.52 -39.16
N PRO B 175 5.82 -6.26 -40.16
CA PRO B 175 4.93 -7.11 -40.98
C PRO B 175 4.32 -8.27 -40.20
N ARG B 176 5.06 -8.90 -39.28
CA ARG B 176 4.54 -10.04 -38.52
C ARG B 176 3.40 -9.65 -37.54
N GLY B 177 3.10 -8.38 -37.40
CA GLY B 177 2.02 -7.99 -36.53
C GLY B 177 2.47 -7.95 -35.08
N ARG B 178 1.46 -7.86 -34.20
CA ARG B 178 1.68 -7.92 -32.76
C ARG B 178 1.63 -9.37 -32.28
N ASP B 179 2.73 -10.07 -32.59
CA ASP B 179 2.89 -11.46 -32.24
C ASP B 179 3.53 -11.53 -30.86
N THR B 180 3.77 -12.76 -30.40
CA THR B 180 4.31 -12.99 -29.05
C THR B 180 5.63 -12.24 -28.87
N THR B 181 6.45 -12.19 -29.92
CA THR B 181 7.72 -11.47 -29.81
C THR B 181 7.51 -9.97 -29.65
N TYR B 182 6.67 -9.37 -30.50
CA TYR B 182 6.25 -8.00 -30.27
C TYR B 182 5.88 -7.74 -28.82
N TRP B 183 4.97 -8.55 -28.23
CA TRP B 183 4.44 -8.25 -26.90
C TRP B 183 5.51 -8.47 -25.82
N GLN B 184 6.42 -9.41 -26.06
CA GLN B 184 7.51 -9.59 -25.10
C GLN B 184 8.54 -8.47 -25.16
N ASN B 185 8.73 -7.88 -26.33
CA ASN B 185 9.57 -6.70 -26.43
C ASN B 185 8.93 -5.47 -25.78
N VAL B 186 7.61 -5.28 -25.95
CA VAL B 186 6.92 -4.25 -25.18
C VAL B 186 7.20 -4.39 -23.69
N LYS B 187 6.95 -5.58 -23.13
CA LYS B 187 7.07 -5.82 -21.70
C LYS B 187 8.51 -5.63 -21.22
N ASP B 188 9.50 -6.07 -22.02
CA ASP B 188 10.90 -5.82 -21.66
C ASP B 188 11.25 -4.33 -21.71
N SER B 189 10.72 -3.61 -22.69
CA SER B 189 11.02 -2.19 -22.77
C SER B 189 10.49 -1.48 -21.57
N VAL B 190 9.29 -1.84 -21.12
CA VAL B 190 8.68 -1.11 -20.04
C VAL B 190 9.42 -1.44 -18.75
N GLN B 191 9.73 -2.72 -18.57
CA GLN B 191 10.31 -3.16 -17.29
C GLN B 191 11.76 -2.72 -17.16
N TYR B 192 12.51 -2.71 -18.26
CA TYR B 192 13.85 -2.17 -18.22
C TYR B 192 13.85 -0.73 -17.69
N GLU B 193 13.00 0.15 -18.25
CA GLU B 193 12.91 1.54 -17.77
C GLU B 193 12.48 1.61 -16.32
N LEU B 194 11.43 0.88 -15.94
CA LEU B 194 10.94 0.94 -14.56
C LEU B 194 12.02 0.54 -13.56
N GLU B 195 12.71 -0.56 -13.83
CA GLU B 195 13.61 -1.08 -12.81
C GLU B 195 14.79 -0.15 -12.59
N GLN B 196 15.22 0.52 -13.65
CA GLN B 196 16.34 1.47 -13.49
C GLN B 196 15.91 2.62 -12.58
N GLN B 197 14.65 3.03 -12.72
CA GLN B 197 14.20 4.15 -11.94
C GLN B 197 13.83 3.69 -10.55
N LEU B 198 13.39 2.45 -10.40
CA LEU B 198 13.17 1.87 -9.07
C LEU B 198 14.46 1.50 -8.29
N LYS B 199 15.65 1.58 -8.89
CA LYS B 199 16.90 1.61 -8.13
C LYS B 199 17.15 2.93 -7.42
N ARG B 200 16.40 3.99 -7.72
CA ARG B 200 16.61 5.33 -7.15
C ARG B 200 15.94 5.44 -5.80
N ARG B 201 16.37 4.57 -4.90
CA ARG B 201 15.91 4.59 -3.53
C ARG B 201 16.30 5.88 -2.77
N GLY B 202 15.50 6.22 -1.78
CA GLY B 202 15.76 7.46 -1.08
C GLY B 202 14.82 7.64 0.10
N GLY B 203 14.83 8.86 0.63
CA GLY B 203 13.93 9.18 1.73
C GLY B 203 14.46 8.73 3.07
N THR B 204 13.54 8.66 4.05
CA THR B 204 13.95 8.41 5.42
C THR B 204 14.44 6.99 5.60
N TYR B 205 13.90 6.04 4.84
CA TYR B 205 14.16 4.62 5.09
C TYR B 205 14.82 3.90 3.94
N GLY B 206 15.15 4.58 2.85
CA GLY B 206 15.71 3.92 1.69
C GLY B 206 14.74 3.18 0.80
N ASP B 207 13.44 3.50 0.90
CA ASP B 207 12.42 2.89 0.06
C ASP B 207 12.63 3.23 -1.41
N SER B 208 12.26 2.28 -2.28
CA SER B 208 12.15 2.55 -3.70
C SER B 208 11.05 3.58 -3.90
N PRO B 209 11.18 4.45 -4.91
CA PRO B 209 10.12 5.42 -5.19
C PRO B 209 8.83 4.78 -5.67
N ALA B 210 7.74 5.52 -5.45
CA ALA B 210 6.44 5.19 -6.02
C ALA B 210 6.40 5.41 -7.52
N LEU B 211 5.56 4.65 -8.21
CA LEU B 211 5.34 4.81 -9.62
C LEU B 211 4.02 5.54 -9.84
N ALA B 212 4.05 6.59 -10.67
CA ALA B 212 2.85 7.33 -11.06
C ALA B 212 2.69 7.20 -12.57
N VAL B 213 1.64 6.50 -13.00
CA VAL B 213 1.55 6.01 -14.37
C VAL B 213 0.24 6.42 -15.01
N VAL B 214 0.32 6.87 -16.25
CA VAL B 214 -0.84 7.14 -17.11
C VAL B 214 -0.62 6.52 -18.50
N GLY B 215 -1.69 5.89 -19.03
CA GLY B 215 -1.64 5.25 -20.33
C GLY B 215 -2.75 5.74 -21.24
N LEU B 216 -2.40 5.87 -22.52
CA LEU B 216 -3.39 6.21 -23.55
C LEU B 216 -2.92 5.51 -24.83
N ALA B 217 -3.56 4.39 -25.13
CA ALA B 217 -3.14 3.49 -26.21
C ALA B 217 -4.27 2.48 -26.39
N ASP B 218 -4.11 1.57 -27.36
CA ASP B 218 -5.15 0.55 -27.54
C ASP B 218 -5.24 -0.35 -26.32
N ILE B 219 -6.43 -0.90 -26.11
CA ILE B 219 -6.67 -1.67 -24.88
C ILE B 219 -5.72 -2.85 -24.72
N PRO B 220 -5.34 -3.58 -25.78
CA PRO B 220 -4.38 -4.68 -25.52
C PRO B 220 -3.01 -4.15 -25.06
N ALA B 221 -2.56 -3.06 -25.65
CA ALA B 221 -1.29 -2.49 -25.22
C ALA B 221 -1.34 -2.03 -23.76
N LEU B 222 -2.47 -1.44 -23.36
CA LEU B 222 -2.66 -0.98 -22.01
C LEU B 222 -2.68 -2.13 -21.03
N MET B 223 -3.26 -3.27 -21.44
CA MET B 223 -3.22 -4.47 -20.59
C MET B 223 -1.80 -4.99 -20.44
N MET B 224 -0.98 -4.88 -21.50
CA MET B 224 0.43 -5.28 -21.41
C MET B 224 1.23 -4.35 -20.50
N LEU B 225 0.91 -3.05 -20.49
CA LEU B 225 1.44 -2.15 -19.48
C LEU B 225 1.06 -2.60 -18.07
N GLY B 226 -0.21 -3.01 -17.84
CA GLY B 226 -0.57 -3.56 -16.55
C GLY B 226 0.20 -4.83 -16.21
N GLN B 227 0.48 -5.66 -17.24
CA GLN B 227 1.24 -6.90 -17.02
C GLN B 227 2.66 -6.58 -16.61
N SER B 228 3.14 -5.42 -17.06
CA SER B 228 4.52 -4.98 -16.84
C SER B 228 4.69 -4.40 -15.44
N ILE B 229 3.71 -3.61 -14.97
CA ILE B 229 3.86 -2.89 -13.69
C ILE B 229 3.34 -3.69 -12.49
N GLY B 230 2.41 -4.60 -12.70
CA GLY B 230 1.84 -5.31 -11.58
C GLY B 230 1.05 -4.44 -10.62
N ASP B 231 0.72 -5.06 -9.46
CA ASP B 231 -0.11 -4.40 -8.43
C ASP B 231 0.38 -4.70 -7.01
N ARG B 232 1.69 -4.97 -6.88
CA ARG B 232 2.34 -5.37 -5.63
C ARG B 232 3.54 -4.47 -5.29
N SER B 233 3.30 -3.18 -5.33
CA SER B 233 4.29 -2.14 -5.05
C SER B 233 3.49 -0.85 -4.86
N LYS B 234 4.15 0.20 -4.36
CA LYS B 234 3.48 1.50 -4.27
C LYS B 234 3.37 2.10 -5.67
N ARG B 235 2.17 2.15 -6.22
CA ARG B 235 1.94 2.55 -7.60
C ARG B 235 0.58 3.24 -7.59
N LEU B 236 0.49 4.39 -8.26
CA LEU B 236 -0.76 5.13 -8.39
C LEU B 236 -1.04 5.37 -9.87
N ILE B 237 -2.18 4.86 -10.34
CA ILE B 237 -2.61 5.11 -11.71
C ILE B 237 -3.26 6.48 -11.73
N PHE B 238 -2.95 7.24 -12.77
CA PHE B 238 -3.67 8.43 -13.20
C PHE B 238 -4.41 8.17 -14.50
N SER B 239 -5.35 9.07 -14.83
CA SER B 239 -6.25 8.83 -15.94
C SER B 239 -6.44 10.08 -16.78
N PHE B 240 -6.38 9.94 -18.10
CA PHE B 240 -6.65 11.09 -18.94
C PHE B 240 -8.15 11.18 -19.19
N HIS B 241 -8.75 12.35 -18.92
CA HIS B 241 -10.18 12.59 -19.01
C HIS B 241 -10.41 13.67 -20.06
N ARG B 242 -11.37 13.44 -20.95
CA ARG B 242 -11.62 14.38 -22.04
C ARG B 242 -11.91 15.79 -21.53
N GLU B 243 -12.65 15.90 -20.43
CA GLU B 243 -12.98 17.22 -19.92
C GLU B 243 -11.96 17.68 -18.87
N HIS B 244 -11.61 16.81 -17.90
CA HIS B 244 -10.80 17.24 -16.75
C HIS B 244 -9.32 16.95 -16.96
N LEU B 245 -8.97 16.31 -18.08
CA LEU B 245 -7.56 16.03 -18.44
C LEU B 245 -6.98 15.05 -17.42
N LEU B 246 -5.77 15.29 -16.87
CA LEU B 246 -5.17 14.39 -15.86
C LEU B 246 -5.64 14.66 -14.42
N ARG B 247 -6.50 15.65 -14.21
CA ARG B 247 -7.07 15.88 -12.88
C ARG B 247 -8.34 15.05 -12.76
N TRP B 248 -8.54 14.50 -11.54
CA TRP B 248 -9.70 13.67 -11.25
C TRP B 248 -10.98 14.50 -11.33
N PRO B 249 -12.01 14.06 -12.08
CA PRO B 249 -13.28 14.83 -12.12
C PRO B 249 -13.92 15.09 -10.75
N ASP B 250 -13.95 14.12 -9.82
CA ASP B 250 -14.71 14.34 -8.58
C ASP B 250 -14.26 13.36 -7.50
N GLN B 251 -13.45 13.85 -6.54
CA GLN B 251 -12.86 12.99 -5.50
C GLN B 251 -13.90 12.39 -4.55
N SER B 252 -15.09 12.98 -4.51
CA SER B 252 -16.09 12.50 -3.58
C SER B 252 -17.08 11.55 -4.24
N ALA B 253 -17.01 11.33 -5.55
CA ALA B 253 -17.93 10.43 -6.22
C ALA B 253 -17.79 9.01 -5.68
N GLU B 254 -18.93 8.35 -5.54
CA GLU B 254 -19.01 6.94 -5.17
C GLU B 254 -18.90 6.06 -6.43
N PRO B 255 -18.16 4.96 -6.36
CA PRO B 255 -18.07 4.09 -7.53
C PRO B 255 -19.44 3.53 -7.88
N PRO B 256 -19.66 3.22 -9.16
CA PRO B 256 -20.95 2.61 -9.55
C PRO B 256 -21.01 1.14 -9.16
N SER B 257 -22.23 0.59 -9.18
CA SER B 257 -22.43 -0.86 -9.13
C SER B 257 -22.00 -1.49 -10.43
N PHE B 258 -21.25 -2.59 -10.34
CA PHE B 258 -20.84 -3.34 -11.52
C PHE B 258 -21.77 -4.54 -11.66
N LEU B 259 -22.68 -4.45 -12.63
CA LEU B 259 -23.68 -5.46 -12.88
C LEU B 259 -23.11 -6.66 -13.64
N PHE B 260 -23.54 -7.87 -13.28
CA PHE B 260 -23.02 -9.07 -13.94
C PHE B 260 -24.15 -9.96 -14.37
N THR B 261 -24.13 -10.36 -15.64
CA THR B 261 -24.99 -11.40 -16.17
C THR B 261 -24.12 -12.63 -16.44
N PRO B 262 -24.50 -13.80 -15.92
CA PRO B 262 -23.67 -14.99 -16.08
C PRO B 262 -23.81 -15.60 -17.47
N PRO B 263 -22.84 -16.43 -17.88
CA PRO B 263 -22.90 -16.99 -19.24
C PRO B 263 -23.96 -18.06 -19.32
N PRO B 264 -24.63 -18.19 -20.45
CA PRO B 264 -25.52 -19.32 -20.66
C PRO B 264 -24.70 -20.60 -20.67
N ASN B 265 -25.39 -21.70 -20.38
CA ASN B 265 -24.72 -23.00 -20.35
C ASN B 265 -24.56 -23.54 -21.75
N GLY B 266 -23.54 -24.36 -21.95
CA GLY B 266 -23.27 -24.96 -23.24
C GLY B 266 -21.78 -25.26 -23.40
N ASP B 267 -21.42 -25.63 -24.63
CA ASP B 267 -20.05 -26.01 -24.95
C ASP B 267 -19.31 -24.99 -25.81
N GLY B 268 -19.99 -23.95 -26.26
CA GLY B 268 -19.38 -22.89 -27.04
C GLY B 268 -18.28 -22.22 -26.26
N PRO B 269 -17.51 -21.40 -26.95
CA PRO B 269 -16.44 -20.66 -26.27
C PRO B 269 -16.99 -19.64 -25.27
N LEU B 270 -16.33 -19.54 -24.11
CA LEU B 270 -16.72 -18.59 -23.08
C LEU B 270 -16.19 -17.17 -23.38
N ALA B 271 -17.10 -16.19 -23.37
CA ALA B 271 -16.74 -14.80 -23.65
C ALA B 271 -17.09 -13.93 -22.45
N LEU B 272 -16.21 -12.99 -22.16
CA LEU B 272 -16.43 -11.95 -21.16
C LEU B 272 -16.52 -10.63 -21.89
N VAL B 273 -17.71 -10.03 -21.89
CA VAL B 273 -17.94 -8.69 -22.42
C VAL B 273 -17.94 -7.68 -21.28
N LEU B 274 -17.10 -6.65 -21.40
CA LEU B 274 -17.01 -5.56 -20.42
C LEU B 274 -17.63 -4.32 -21.05
N SER B 275 -18.86 -3.98 -20.65
CA SER B 275 -19.60 -2.84 -21.17
C SER B 275 -19.61 -1.71 -20.15
N ILE B 276 -18.51 -0.96 -20.12
CA ILE B 276 -18.25 0.05 -19.12
C ILE B 276 -18.26 1.43 -19.74
N SER B 277 -17.40 1.67 -20.75
CA SER B 277 -17.45 2.89 -21.53
C SER B 277 -18.68 2.96 -22.41
N ALA B 278 -19.19 1.81 -22.83
CA ALA B 278 -20.26 1.73 -23.82
C ALA B 278 -20.83 0.32 -23.75
N GLN B 279 -22.03 0.16 -24.31
CA GLN B 279 -22.68 -1.13 -24.49
C GLN B 279 -22.19 -1.79 -25.77
N VAL B 280 -21.55 -2.95 -25.62
CA VAL B 280 -21.05 -3.75 -26.73
C VAL B 280 -22.21 -4.59 -27.29
N PRO B 281 -22.48 -4.49 -28.59
CA PRO B 281 -23.55 -5.32 -29.16
C PRO B 281 -23.12 -6.77 -29.28
N VAL B 282 -24.04 -7.68 -28.93
CA VAL B 282 -23.72 -9.12 -28.92
C VAL B 282 -23.38 -9.61 -30.32
N ARG B 283 -24.01 -9.05 -31.35
CA ARG B 283 -23.77 -9.54 -32.70
C ARG B 283 -22.33 -9.35 -33.11
N ASP B 284 -21.72 -8.24 -32.67
CA ASP B 284 -20.31 -8.03 -32.98
C ASP B 284 -19.44 -9.07 -32.30
N VAL B 285 -19.87 -9.58 -31.15
CA VAL B 285 -19.09 -10.59 -30.45
C VAL B 285 -19.23 -11.95 -31.12
N THR B 286 -20.45 -12.34 -31.48
CA THR B 286 -20.67 -13.61 -32.15
C THR B 286 -20.18 -13.61 -33.58
N ASP B 287 -20.06 -12.43 -34.22
CA ASP B 287 -19.42 -12.36 -35.54
C ASP B 287 -17.96 -12.76 -35.45
N ALA B 288 -17.27 -12.28 -34.40
CA ALA B 288 -15.84 -12.56 -34.24
C ALA B 288 -15.62 -13.93 -33.63
N LEU B 289 -16.60 -14.44 -32.88
CA LEU B 289 -16.39 -15.66 -32.13
C LEU B 289 -17.67 -16.44 -32.22
N PRO B 290 -17.82 -17.30 -33.24
CA PRO B 290 -19.03 -18.14 -33.37
C PRO B 290 -19.27 -19.03 -32.16
N GLY B 291 -20.53 -19.15 -31.77
CA GLY B 291 -20.89 -19.94 -30.60
C GLY B 291 -20.61 -19.29 -29.26
N ALA B 292 -20.22 -18.02 -29.22
CA ALA B 292 -19.88 -17.38 -27.95
C ALA B 292 -21.00 -17.49 -26.93
N ARG B 293 -20.62 -17.87 -25.68
CA ARG B 293 -21.49 -17.84 -24.51
C ARG B 293 -21.08 -16.60 -23.74
N ILE B 294 -21.94 -15.59 -23.73
CA ILE B 294 -21.54 -14.27 -23.23
C ILE B 294 -21.91 -14.10 -21.74
N ALA B 295 -20.88 -13.88 -20.92
CA ALA B 295 -21.03 -13.28 -19.60
C ALA B 295 -20.68 -11.81 -19.76
N GLU B 296 -21.36 -10.93 -19.03
CA GLU B 296 -21.14 -9.50 -19.18
C GLU B 296 -21.00 -8.76 -17.85
N LEU B 297 -20.00 -7.89 -17.74
CA LEU B 297 -19.84 -7.00 -16.59
C LEU B 297 -20.08 -5.59 -17.10
N SER B 298 -21.08 -4.91 -16.52
CA SER B 298 -21.46 -3.60 -17.02
C SER B 298 -21.72 -2.67 -15.83
N ILE B 299 -22.02 -1.41 -16.14
CA ILE B 299 -22.44 -0.47 -15.11
C ILE B 299 -23.84 -0.02 -15.54
N PRO B 300 -24.61 0.61 -14.65
CA PRO B 300 -25.98 1.03 -15.02
C PRO B 300 -26.04 2.04 -16.15
N GLU B 301 -25.09 2.97 -16.23
CA GLU B 301 -25.09 3.96 -17.29
C GLU B 301 -23.70 4.07 -17.91
N PRO B 302 -23.40 3.22 -18.91
CA PRO B 302 -22.06 3.23 -19.54
C PRO B 302 -21.71 4.60 -20.10
N SER B 303 -20.46 5.01 -19.90
CA SER B 303 -20.07 6.37 -20.24
C SER B 303 -18.56 6.46 -20.35
N TYR B 304 -18.09 7.22 -21.34
CA TYR B 304 -16.66 7.46 -21.50
C TYR B 304 -16.09 8.23 -20.33
N ALA B 305 -16.94 8.95 -19.60
CA ALA B 305 -16.50 9.83 -18.53
C ALA B 305 -16.53 9.21 -17.13
N MET B 306 -16.68 7.88 -17.02
CA MET B 306 -17.00 7.21 -15.76
C MET B 306 -15.86 7.16 -14.75
N VAL B 307 -14.62 7.47 -15.12
CA VAL B 307 -13.50 7.32 -14.20
C VAL B 307 -13.40 8.63 -13.42
N GLN B 308 -14.30 8.79 -12.45
CA GLN B 308 -14.40 10.02 -11.69
C GLN B 308 -13.25 10.19 -10.70
N ASN B 309 -12.65 9.10 -10.24
CA ASN B 309 -11.58 9.13 -9.24
C ASN B 309 -10.94 7.74 -9.19
N ARG B 310 -9.84 7.63 -8.45
CA ARG B 310 -9.08 6.40 -8.46
C ARG B 310 -9.86 5.28 -7.78
N ARG B 311 -10.71 5.60 -6.82
CA ARG B 311 -11.50 4.55 -6.20
C ARG B 311 -12.32 3.80 -7.24
N VAL B 312 -12.75 4.47 -8.32
CA VAL B 312 -13.52 3.80 -9.37
C VAL B 312 -12.69 2.68 -9.99
N ILE B 313 -11.38 2.89 -10.10
CA ILE B 313 -10.52 1.90 -10.73
C ILE B 313 -10.39 0.72 -9.80
N HIS B 314 -10.14 1.00 -8.52
CA HIS B 314 -10.07 -0.03 -7.49
C HIS B 314 -11.36 -0.82 -7.40
N ALA B 315 -12.51 -0.15 -7.43
CA ALA B 315 -13.80 -0.86 -7.36
C ALA B 315 -14.01 -1.78 -8.56
N PHE B 316 -13.59 -1.34 -9.77
CA PHE B 316 -13.72 -2.15 -10.98
C PHE B 316 -12.92 -3.43 -10.82
N ARG B 317 -11.66 -3.29 -10.42
CA ARG B 317 -10.81 -4.45 -10.20
C ARG B 317 -11.42 -5.45 -9.21
N ASP B 318 -11.96 -4.97 -8.07
CA ASP B 318 -12.55 -5.83 -7.04
C ASP B 318 -13.73 -6.60 -7.59
N ALA B 319 -14.61 -5.91 -8.32
CA ALA B 319 -15.77 -6.57 -8.94
C ALA B 319 -15.35 -7.54 -10.03
N LEU B 320 -14.41 -7.14 -10.88
CA LEU B 320 -13.89 -7.99 -11.93
C LEU B 320 -13.29 -9.28 -11.39
N GLN B 321 -12.42 -9.20 -10.38
CA GLN B 321 -11.77 -10.40 -9.91
C GLN B 321 -12.75 -11.34 -9.26
N ILE B 322 -13.78 -10.81 -8.59
CA ILE B 322 -14.82 -11.67 -8.04
C ILE B 322 -15.46 -12.50 -9.13
N ARG B 323 -15.75 -11.88 -10.27
CA ARG B 323 -16.38 -12.62 -11.37
C ARG B 323 -15.38 -13.50 -12.13
N LEU B 324 -14.12 -13.08 -12.28
CA LEU B 324 -13.17 -13.96 -12.96
C LEU B 324 -12.94 -15.24 -12.15
N SER B 325 -13.03 -15.15 -10.81
CA SER B 325 -12.90 -16.35 -9.99
C SER B 325 -14.02 -17.32 -10.29
N GLN B 326 -15.24 -16.81 -10.48
CA GLN B 326 -16.37 -17.64 -10.92
C GLN B 326 -16.16 -18.21 -12.32
N LEU B 327 -15.81 -17.38 -13.30
CA LEU B 327 -15.66 -17.83 -14.67
C LEU B 327 -14.50 -18.81 -14.85
N GLU B 328 -13.31 -18.49 -14.29
CA GLU B 328 -12.19 -19.44 -14.42
C GLU B 328 -12.53 -20.82 -13.80
N ALA B 329 -13.35 -20.85 -12.75
CA ALA B 329 -13.78 -22.14 -12.19
C ALA B 329 -14.71 -22.89 -13.12
N LEU B 330 -15.40 -22.19 -14.03
CA LEU B 330 -16.40 -22.87 -14.84
C LEU B 330 -15.78 -23.83 -15.84
N THR B 331 -14.60 -23.49 -16.39
CA THR B 331 -14.05 -24.24 -17.49
C THR B 331 -12.55 -24.14 -17.50
N PRO B 332 -11.83 -25.18 -17.93
CA PRO B 332 -10.37 -25.02 -18.16
C PRO B 332 -10.02 -24.22 -19.40
N ASP B 333 -10.98 -23.98 -20.24
CA ASP B 333 -10.68 -23.41 -21.54
C ASP B 333 -10.51 -21.89 -21.43
N PRO B 334 -9.94 -21.26 -22.48
CA PRO B 334 -9.69 -19.82 -22.41
C PRO B 334 -10.96 -18.99 -22.29
N ILE B 335 -10.78 -17.81 -21.70
CA ILE B 335 -11.83 -16.82 -21.59
C ILE B 335 -11.53 -15.79 -22.65
N HIS B 336 -12.51 -15.46 -23.47
CA HIS B 336 -12.29 -14.55 -24.58
C HIS B 336 -12.87 -13.19 -24.24
N VAL B 337 -12.05 -12.13 -24.32
CA VAL B 337 -12.38 -10.86 -23.67
C VAL B 337 -12.71 -9.82 -24.74
N PHE B 338 -13.89 -9.20 -24.61
CA PHE B 338 -14.38 -8.16 -25.53
C PHE B 338 -14.69 -6.91 -24.73
N ALA B 339 -13.74 -5.98 -24.62
CA ALA B 339 -13.82 -4.90 -23.65
C ALA B 339 -14.06 -3.53 -24.27
N ALA B 340 -15.08 -2.82 -23.77
CA ALA B 340 -15.26 -1.38 -24.00
C ALA B 340 -15.10 -0.71 -22.65
N ILE B 341 -13.85 -0.42 -22.29
CA ILE B 341 -13.50 0.07 -20.96
C ILE B 341 -12.55 1.27 -21.11
N PRO B 342 -12.55 2.19 -20.13
CA PRO B 342 -11.59 3.29 -20.15
C PRO B 342 -10.13 2.83 -20.03
N ALA B 343 -9.23 3.71 -20.45
CA ALA B 343 -7.82 3.31 -20.51
C ALA B 343 -7.26 2.93 -19.16
N ALA B 344 -7.58 3.69 -18.11
CA ALA B 344 -7.05 3.40 -16.79
C ALA B 344 -7.53 2.04 -16.31
N LEU B 345 -8.79 1.68 -16.64
CA LEU B 345 -9.32 0.35 -16.29
C LEU B 345 -8.58 -0.78 -17.04
N ALA B 346 -8.15 -0.53 -18.29
CA ALA B 346 -7.47 -1.55 -19.10
C ALA B 346 -6.11 -1.86 -18.51
N ILE B 347 -5.41 -0.85 -17.99
CA ILE B 347 -4.16 -1.08 -17.26
C ILE B 347 -4.40 -1.93 -16.00
N GLU B 348 -5.42 -1.59 -15.21
CA GLU B 348 -5.65 -2.34 -13.97
C GLU B 348 -6.03 -3.79 -14.29
N PHE B 349 -6.74 -4.02 -15.39
CA PHE B 349 -7.09 -5.39 -15.79
C PHE B 349 -5.82 -6.20 -16.05
N GLY B 350 -4.89 -5.62 -16.80
CA GLY B 350 -3.63 -6.31 -17.04
C GLY B 350 -2.82 -6.59 -15.78
N ALA B 351 -2.75 -5.63 -14.87
CA ALA B 351 -2.01 -5.81 -13.62
C ALA B 351 -2.62 -6.82 -12.68
N LEU B 352 -3.94 -6.98 -12.70
CA LEU B 352 -4.61 -7.99 -11.88
C LEU B 352 -4.13 -9.41 -12.20
N LEU B 353 -3.84 -9.72 -13.47
CA LEU B 353 -3.54 -11.07 -13.99
C LEU B 353 -2.04 -11.33 -13.95
N THR B 354 -1.40 -11.04 -12.82
CA THR B 354 0.05 -11.16 -12.66
C THR B 354 0.38 -12.02 -11.44
N THR B 355 -0.59 -12.69 -10.86
CA THR B 355 -0.24 -13.69 -9.87
C THR B 355 0.54 -14.86 -10.52
N GLN B 356 1.04 -15.75 -9.67
CA GLN B 356 1.61 -17.02 -10.16
C GLN B 356 0.57 -17.80 -10.94
N HIS B 357 -0.61 -17.97 -10.36
CA HIS B 357 -1.74 -18.53 -11.11
C HIS B 357 -2.04 -17.78 -12.41
N GLN B 358 -2.28 -18.53 -13.46
CA GLN B 358 -2.52 -17.94 -14.78
C GLN B 358 -3.55 -18.80 -15.51
N HIS B 359 -4.75 -18.26 -15.65
CA HIS B 359 -5.73 -18.81 -16.58
C HIS B 359 -5.46 -18.17 -17.93
N THR B 360 -5.82 -18.89 -19.00
CA THR B 360 -5.61 -18.40 -20.36
C THR B 360 -6.69 -17.39 -20.75
N TYR B 361 -6.27 -16.19 -21.14
CA TYR B 361 -7.14 -15.14 -21.64
C TYR B 361 -6.72 -14.80 -23.06
N LEU B 362 -7.72 -14.70 -23.94
CA LEU B 362 -7.54 -14.27 -25.33
C LEU B 362 -8.24 -12.93 -25.53
N ILE B 363 -7.47 -11.89 -25.77
CA ILE B 363 -8.00 -10.53 -25.82
C ILE B 363 -8.37 -10.15 -27.26
N PHE B 364 -9.64 -9.81 -27.48
CA PHE B 364 -10.11 -9.31 -28.76
C PHE B 364 -10.18 -7.77 -28.73
N ASP B 365 -9.76 -7.14 -29.81
CA ASP B 365 -9.83 -5.70 -29.91
C ASP B 365 -10.36 -5.31 -31.28
N ARG B 366 -11.06 -4.19 -31.34
CA ARG B 366 -11.58 -3.73 -32.61
C ARG B 366 -10.47 -3.15 -33.52
N ASP B 367 -10.38 -3.69 -34.72
CA ASP B 367 -9.42 -3.21 -35.71
C ASP B 367 -10.01 -2.03 -36.46
N LYS B 368 -9.56 -0.83 -36.11
CA LYS B 368 -10.05 0.38 -36.74
C LYS B 368 -9.72 0.49 -38.22
N GLU B 369 -8.77 -0.28 -38.73
CA GLU B 369 -8.52 -0.35 -40.16
C GLU B 369 -9.25 -1.51 -40.84
N ASN B 370 -10.05 -2.27 -40.10
CA ASN B 370 -10.91 -3.30 -40.68
C ASN B 370 -12.33 -3.16 -40.15
N GLN B 371 -12.97 -2.06 -40.52
CA GLN B 371 -14.31 -1.66 -40.06
C GLN B 371 -14.67 -2.04 -38.64
N ASP B 372 -13.73 -1.80 -37.70
CA ASP B 372 -13.92 -2.02 -36.26
C ASP B 372 -14.32 -3.45 -35.91
N ARG B 373 -13.84 -4.41 -36.69
CA ARG B 373 -14.10 -5.81 -36.38
C ARG B 373 -13.26 -6.26 -35.18
N PHE B 374 -13.94 -6.86 -34.18
CA PHE B 374 -13.22 -7.49 -33.08
C PHE B 374 -12.23 -8.56 -33.58
N THR B 375 -10.98 -8.42 -33.19
CA THR B 375 -9.93 -9.27 -33.71
C THR B 375 -9.04 -9.73 -32.55
N GLN B 376 -8.67 -11.01 -32.56
CA GLN B 376 -7.89 -11.53 -31.46
C GLN B 376 -6.51 -10.96 -31.65
N THR B 377 -5.95 -10.30 -30.60
CA THR B 377 -4.68 -9.57 -30.70
C THR B 377 -3.65 -9.97 -29.64
N LEU B 378 -4.08 -10.55 -28.53
CA LEU B 378 -3.20 -10.80 -27.40
C LEU B 378 -3.66 -12.04 -26.62
N GLN B 379 -2.68 -12.79 -26.16
CA GLN B 379 -2.92 -13.93 -25.29
C GLN B 379 -2.14 -13.75 -23.99
N LEU B 380 -2.84 -13.96 -22.86
CA LEU B 380 -2.25 -13.93 -21.52
C LEU B 380 -2.39 -15.34 -20.96
N GLY B 381 -1.36 -15.84 -20.29
CA GLY B 381 -1.48 -17.15 -19.72
C GLY B 381 -0.19 -17.76 -19.23
N PRO B 382 -0.24 -19.04 -18.83
CA PRO B 382 0.91 -19.76 -18.23
C PRO B 382 2.23 -19.54 -18.99
#